data_3ZRP
#
_entry.id   3ZRP
#
_cell.length_a   162.430
_cell.length_b   54.970
_cell.length_c   101.810
_cell.angle_alpha   90.00
_cell.angle_beta   111.27
_cell.angle_gamma   90.00
#
_symmetry.space_group_name_H-M   'C 1 2 1'
#
loop_
_entity.id
_entity.type
_entity.pdbx_description
1 polymer 'SERINE-PYRUVATE AMINOTRANSFERASE (AGXT)'
2 non-polymer "PYRIDOXAL-5'-PHOSPHATE"
3 water water
#
_entity_poly.entity_id   1
_entity_poly.type   'polypeptide(L)'
_entity_poly.pdbx_seq_one_letter_code
;MDKLLLHVGPTTIKEDVLVAGLENNVGFTSKEFVEALAYSLKGLRYVMGASKNYQPLIIPGGGTSAMESVTSLLKPNDKI
LVVSNGVFGDRWEQIFKRYPVNVKVLRPSPGDYVKPGEVEEEVRKSEYKLVALTHVETSTGVREPVKDVINKIRKYVELI
VVDGVSSVGAEEVKAEEWNVDVYLTASQKALGSAAGLGLLLLSPKALSILDSQNSIAGYYLDLRNWLPVMRGAEEGKAAY
FATPPVHVILQLAEAFRLIEKEGIENRIKRHTMVASAIRAGLEALGLEIVARRPESYSNTVTGVILKVADPQKVLAGTVN
EGVEFAPGVHPAFKYFRIGHMGWVTPNDAIIAISVIERTLRKLGEPIRFGEGVKAVEEVLFSAR
;
_entity_poly.pdbx_strand_id   A,B
#
# COMPACT_ATOMS: atom_id res chain seq x y z
N LEU A 6 -14.41 19.99 1.94
CA LEU A 6 -14.93 18.92 2.82
C LEU A 6 -15.41 17.69 2.03
N HIS A 7 -14.46 16.78 1.78
CA HIS A 7 -14.64 15.61 0.89
C HIS A 7 -14.58 14.28 1.67
N VAL A 8 -15.09 13.20 1.05
CA VAL A 8 -14.86 11.83 1.54
C VAL A 8 -13.39 11.45 1.29
N GLY A 9 -12.66 11.31 2.39
CA GLY A 9 -11.20 11.31 2.35
C GLY A 9 -10.75 12.76 2.43
N PRO A 10 -10.89 13.40 3.62
CA PRO A 10 -10.48 14.78 3.77
C PRO A 10 -9.22 15.01 2.95
N THR A 11 -9.26 16.04 2.11
CA THR A 11 -8.10 16.40 1.29
C THR A 11 -7.10 17.27 2.08
N THR A 12 -7.58 17.91 3.15
CA THR A 12 -6.71 18.70 4.05
C THR A 12 -6.22 17.90 5.25
N ILE A 13 -4.91 17.76 5.34
CA ILE A 13 -4.24 17.03 6.40
C ILE A 13 -3.47 18.05 7.24
N LYS A 14 -3.57 17.95 8.56
CA LYS A 14 -2.77 18.79 9.44
C LYS A 14 -1.30 18.83 9.02
N GLU A 15 -0.72 20.03 9.05
CA GLU A 15 0.67 20.24 8.64
CA GLU A 15 0.67 20.25 8.64
C GLU A 15 1.65 19.43 9.46
N ASP A 16 1.41 19.34 10.77
CA ASP A 16 2.25 18.55 11.67
C ASP A 16 2.33 17.10 11.20
N VAL A 17 1.21 16.59 10.65
CA VAL A 17 1.13 15.19 10.23
C VAL A 17 1.97 15.00 8.97
N LEU A 18 1.76 15.85 7.97
CA LEU A 18 2.52 15.75 6.70
C LEU A 18 4.02 15.91 6.90
N VAL A 19 4.40 16.86 7.76
CA VAL A 19 5.80 17.18 8.02
C VAL A 19 6.52 15.99 8.66
N ALA A 20 5.79 15.24 9.50
CA ALA A 20 6.32 14.02 10.13
C ALA A 20 6.88 13.03 9.11
N GLY A 21 6.37 13.09 7.88
CA GLY A 21 6.84 12.22 6.79
C GLY A 21 8.09 12.69 6.09
N LEU A 22 8.68 13.80 6.56
CA LEU A 22 9.92 14.31 5.95
C LEU A 22 11.19 13.69 6.52
N GLU A 23 11.05 12.90 7.58
CA GLU A 23 12.18 12.21 8.20
CA GLU A 23 12.18 12.21 8.19
C GLU A 23 12.95 11.37 7.18
N ASN A 24 14.23 11.68 7.00
CA ASN A 24 15.08 10.96 6.06
C ASN A 24 15.96 9.91 6.76
N ASN A 25 16.69 9.13 5.95
CA ASN A 25 17.52 8.00 6.43
CA ASN A 25 17.51 7.99 6.41
C ASN A 25 16.76 7.02 7.34
N VAL A 26 15.51 6.72 6.95
CA VAL A 26 14.63 5.85 7.72
C VAL A 26 14.10 4.75 6.80
N GLY A 27 14.32 3.51 7.23
CA GLY A 27 13.80 2.34 6.53
C GLY A 27 13.06 1.49 7.53
N PHE A 28 12.57 0.34 7.09
CA PHE A 28 11.78 -0.54 7.95
C PHE A 28 12.55 -1.20 9.13
N THR A 29 13.88 -1.15 9.08
CA THR A 29 14.73 -1.68 10.16
C THR A 29 15.14 -0.62 11.18
N SER A 30 15.04 0.66 10.80
CA SER A 30 15.44 1.81 11.63
CA SER A 30 15.45 1.79 11.63
C SER A 30 14.62 1.89 12.91
N LYS A 31 15.28 2.25 14.01
CA LYS A 31 14.55 2.38 15.28
C LYS A 31 13.45 3.44 15.24
N GLU A 32 13.62 4.49 14.44
CA GLU A 32 12.58 5.52 14.28
C GLU A 32 11.31 4.92 13.70
N PHE A 33 11.45 4.01 12.75
CA PHE A 33 10.29 3.36 12.17
C PHE A 33 9.63 2.43 13.17
N VAL A 34 10.43 1.55 13.78
CA VAL A 34 9.91 0.58 14.73
C VAL A 34 9.13 1.30 15.83
N GLU A 35 9.67 2.41 16.34
CA GLU A 35 9.01 3.18 17.39
CA GLU A 35 9.01 3.19 17.39
C GLU A 35 7.69 3.80 16.88
N ALA A 36 7.69 4.26 15.63
CA ALA A 36 6.48 4.87 15.07
C ALA A 36 5.39 3.81 14.89
N LEU A 37 5.81 2.62 14.44
CA LEU A 37 4.90 1.50 14.26
C LEU A 37 4.32 1.07 15.60
N ALA A 38 5.17 0.88 16.61
CA ALA A 38 4.70 0.52 17.95
C ALA A 38 3.72 1.54 18.51
N TYR A 39 4.03 2.81 18.33
CA TYR A 39 3.18 3.88 18.80
C TYR A 39 1.81 3.88 18.10
N SER A 40 1.81 3.66 16.79
CA SER A 40 0.55 3.60 16.04
C SER A 40 -0.29 2.41 16.46
N LEU A 41 0.36 1.27 16.69
CA LEU A 41 -0.33 0.09 17.17
C LEU A 41 -1.05 0.38 18.50
N LYS A 42 -0.38 1.06 19.42
CA LYS A 42 -1.02 1.45 20.70
C LYS A 42 -2.16 2.43 20.49
N GLY A 43 -1.96 3.36 19.55
CA GLY A 43 -2.95 4.36 19.19
C GLY A 43 -4.21 3.74 18.63
N LEU A 44 -4.06 2.65 17.86
CA LEU A 44 -5.21 1.88 17.39
CA LEU A 44 -5.21 1.88 17.39
C LEU A 44 -6.02 1.33 18.56
N ARG A 45 -5.35 0.74 19.56
CA ARG A 45 -6.06 0.25 20.75
C ARG A 45 -6.82 1.38 21.44
N TYR A 46 -6.16 2.53 21.55
CA TYR A 46 -6.74 3.71 22.18
C TYR A 46 -8.01 4.21 21.50
N VAL A 47 -7.97 4.42 20.18
CA VAL A 47 -9.15 4.94 19.47
C VAL A 47 -10.27 3.91 19.29
N MET A 48 -9.93 2.63 19.32
CA MET A 48 -10.94 1.59 19.25
CA MET A 48 -10.92 1.57 19.23
C MET A 48 -11.42 1.10 20.61
N GLY A 49 -10.80 1.60 21.69
CA GLY A 49 -11.19 1.24 23.05
C GLY A 49 -10.99 -0.23 23.32
N ALA A 50 -9.74 -0.64 23.47
CA ALA A 50 -9.42 -2.01 23.81
C ALA A 50 -8.14 -2.10 24.63
N SER A 51 -8.09 -3.10 25.50
CA SER A 51 -6.90 -3.40 26.30
C SER A 51 -5.86 -4.13 25.45
N LYS A 52 -4.69 -4.39 26.06
CA LYS A 52 -3.57 -5.08 25.43
C LYS A 52 -3.88 -6.53 25.06
N ASN A 53 -5.08 -6.99 25.43
CA ASN A 53 -5.57 -8.31 25.02
C ASN A 53 -5.92 -8.38 23.53
N TYR A 54 -6.20 -7.21 22.96
CA TYR A 54 -6.58 -7.11 21.54
C TYR A 54 -5.35 -6.76 20.72
N GLN A 55 -5.20 -7.42 19.58
CA GLN A 55 -4.00 -7.30 18.75
C GLN A 55 -4.20 -6.32 17.57
N PRO A 56 -3.48 -5.19 17.57
CA PRO A 56 -3.56 -4.29 16.40
C PRO A 56 -2.65 -4.77 15.25
N LEU A 57 -3.06 -4.50 14.01
CA LEU A 57 -2.18 -4.69 12.85
C LEU A 57 -2.35 -3.52 11.89
N ILE A 58 -1.24 -3.08 11.30
CA ILE A 58 -1.25 -2.02 10.31
C ILE A 58 -0.67 -2.63 9.02
N ILE A 59 -1.44 -2.59 7.93
CA ILE A 59 -1.01 -3.28 6.70
C ILE A 59 -1.06 -2.28 5.55
N PRO A 60 -0.34 -2.58 4.44
CA PRO A 60 -0.48 -1.66 3.30
C PRO A 60 -1.85 -1.69 2.66
N GLY A 61 -2.18 -0.56 2.02
CA GLY A 61 -3.34 -0.42 1.18
C GLY A 61 -4.31 0.60 1.73
N GLY A 62 -5.38 0.09 2.30
CA GLY A 62 -6.41 0.97 2.87
C GLY A 62 -7.53 0.15 3.44
N GLY A 63 -8.69 0.78 3.58
CA GLY A 63 -9.87 0.08 4.09
C GLY A 63 -10.19 -1.19 3.30
N THR A 64 -10.06 -1.15 1.96
CA THR A 64 -10.37 -2.37 1.16
C THR A 64 -9.40 -3.57 1.42
N SER A 65 -8.11 -3.30 1.61
CA SER A 65 -7.15 -4.37 1.82
C SER A 65 -7.39 -4.89 3.24
N ALA A 66 -7.74 -4.00 4.15
CA ALA A 66 -8.08 -4.44 5.53
C ALA A 66 -9.30 -5.36 5.47
N MET A 67 -10.35 -4.94 4.77
CA MET A 67 -11.55 -5.79 4.65
C MET A 67 -11.21 -7.17 4.08
N GLU A 68 -10.47 -7.21 2.96
CA GLU A 68 -10.13 -8.48 2.33
C GLU A 68 -9.24 -9.38 3.22
N SER A 69 -8.37 -8.75 4.02
CA SER A 69 -7.52 -9.48 4.96
C SER A 69 -8.33 -10.33 5.98
N VAL A 70 -9.61 -10.02 6.16
CA VAL A 70 -10.51 -10.82 7.03
C VAL A 70 -10.66 -12.26 6.52
N THR A 71 -10.41 -12.48 5.22
CA THR A 71 -10.31 -13.87 4.68
C THR A 71 -9.27 -14.76 5.42
N SER A 72 -8.36 -14.11 6.16
CA SER A 72 -7.35 -14.78 7.01
C SER A 72 -8.01 -15.60 8.12
N LEU A 73 -9.29 -15.29 8.39
CA LEU A 73 -10.03 -15.97 9.47
C LEU A 73 -11.03 -17.01 8.96
N LEU A 74 -10.99 -17.28 7.65
CA LEU A 74 -12.01 -18.09 6.99
C LEU A 74 -11.47 -19.37 6.38
N LYS A 75 -12.38 -20.32 6.23
CA LYS A 75 -12.08 -21.62 5.67
CA LYS A 75 -12.08 -21.62 5.67
C LYS A 75 -13.04 -21.92 4.53
N PRO A 76 -12.67 -22.84 3.62
CA PRO A 76 -13.59 -23.05 2.50
C PRO A 76 -14.99 -23.46 3.00
N ASN A 77 -16.03 -22.94 2.31
CA ASN A 77 -17.44 -23.22 2.61
CA ASN A 77 -17.44 -23.24 2.61
C ASN A 77 -17.99 -22.55 3.88
N ASP A 78 -17.19 -21.73 4.53
CA ASP A 78 -17.67 -20.94 5.69
C ASP A 78 -18.89 -20.08 5.29
N LYS A 79 -19.80 -19.89 6.23
CA LYS A 79 -21.01 -19.11 5.97
C LYS A 79 -20.93 -17.70 6.56
N ILE A 80 -21.16 -16.74 5.69
CA ILE A 80 -21.00 -15.33 5.99
C ILE A 80 -22.35 -14.62 5.79
N LEU A 81 -22.69 -13.80 6.77
CA LEU A 81 -23.81 -12.84 6.66
C LEU A 81 -23.28 -11.40 6.63
N VAL A 82 -23.57 -10.72 5.53
CA VAL A 82 -23.23 -9.30 5.36
C VAL A 82 -24.47 -8.43 5.57
N VAL A 83 -24.34 -7.47 6.48
CA VAL A 83 -25.40 -6.49 6.74
C VAL A 83 -25.02 -5.19 6.02
N SER A 84 -25.57 -5.01 4.82
CA SER A 84 -25.20 -3.93 3.92
C SER A 84 -26.24 -2.81 3.76
N ASN A 85 -25.84 -1.61 4.19
CA ASN A 85 -26.65 -0.41 4.03
C ASN A 85 -26.35 0.39 2.78
N GLY A 86 -25.45 -0.10 1.93
CA GLY A 86 -25.09 0.66 0.71
C GLY A 86 -23.80 0.16 0.09
N VAL A 87 -23.18 1.01 -0.73
CA VAL A 87 -21.95 0.68 -1.50
C VAL A 87 -20.86 -0.09 -0.77
N PHE A 88 -20.48 0.37 0.43
CA PHE A 88 -19.36 -0.25 1.11
C PHE A 88 -19.76 -1.50 1.92
N GLY A 89 -21.02 -1.60 2.35
CA GLY A 89 -21.55 -2.91 2.73
C GLY A 89 -21.47 -3.89 1.58
N ASP A 90 -21.86 -3.44 0.39
CA ASP A 90 -21.83 -4.29 -0.78
C ASP A 90 -20.41 -4.73 -1.14
N ARG A 91 -19.42 -3.91 -0.79
CA ARG A 91 -18.03 -4.27 -1.04
C ARG A 91 -17.61 -5.57 -0.33
N TRP A 92 -18.12 -5.82 0.87
CA TRP A 92 -17.88 -7.10 1.51
C TRP A 92 -18.28 -8.26 0.57
N GLU A 93 -19.46 -8.18 -0.01
CA GLU A 93 -19.95 -9.19 -0.98
C GLU A 93 -19.04 -9.30 -2.23
N GLN A 94 -18.63 -8.15 -2.77
CA GLN A 94 -17.72 -8.14 -3.94
C GLN A 94 -16.38 -8.83 -3.64
N ILE A 95 -15.82 -8.54 -2.47
CA ILE A 95 -14.60 -9.21 -1.98
C ILE A 95 -14.83 -10.73 -1.83
N PHE A 96 -15.87 -11.10 -1.09
CA PHE A 96 -16.10 -12.51 -0.78
C PHE A 96 -16.49 -13.37 -1.98
N LYS A 97 -16.98 -12.74 -3.08
CA LYS A 97 -17.25 -13.43 -4.34
C LYS A 97 -15.98 -14.04 -4.93
N ARG A 98 -14.82 -13.51 -4.54
CA ARG A 98 -13.54 -14.02 -5.03
C ARG A 98 -13.04 -15.23 -4.26
N TYR A 99 -13.74 -15.60 -3.18
CA TYR A 99 -13.30 -16.65 -2.27
C TYR A 99 -14.33 -17.77 -2.20
N PRO A 100 -13.88 -19.01 -1.91
CA PRO A 100 -14.77 -20.19 -1.77
C PRO A 100 -15.59 -20.17 -0.48
N VAL A 101 -16.46 -19.16 -0.36
CA VAL A 101 -17.28 -18.97 0.82
C VAL A 101 -18.74 -18.79 0.42
N ASN A 102 -19.66 -18.97 1.36
CA ASN A 102 -21.07 -18.78 1.11
C ASN A 102 -21.53 -17.46 1.72
N VAL A 103 -22.14 -16.62 0.89
CA VAL A 103 -22.53 -15.29 1.37
C VAL A 103 -24.03 -15.01 1.25
N LYS A 104 -24.61 -14.53 2.34
CA LYS A 104 -25.96 -13.96 2.31
C LYS A 104 -25.88 -12.49 2.72
N VAL A 105 -26.61 -11.63 2.01
CA VAL A 105 -26.64 -10.20 2.31
C VAL A 105 -28.04 -9.72 2.73
N LEU A 106 -28.13 -9.04 3.87
CA LEU A 106 -29.36 -8.31 4.26
C LEU A 106 -29.21 -6.83 3.84
N ARG A 107 -30.23 -6.30 3.16
CA ARG A 107 -30.23 -4.87 2.82
C ARG A 107 -31.54 -4.19 3.25
N PRO A 108 -31.50 -2.86 3.54
CA PRO A 108 -32.73 -2.09 3.84
C PRO A 108 -33.23 -1.31 2.63
N SER A 109 -34.30 -0.52 2.78
CA SER A 109 -34.74 0.40 1.73
CA SER A 109 -34.74 0.40 1.72
C SER A 109 -33.66 1.47 1.53
N PRO A 110 -33.60 2.09 0.33
CA PRO A 110 -32.49 3.04 0.13
C PRO A 110 -32.35 4.07 1.25
N GLY A 111 -31.12 4.22 1.78
CA GLY A 111 -30.84 5.29 2.74
C GLY A 111 -31.25 4.97 4.15
N ASP A 112 -31.83 3.79 4.33
CA ASP A 112 -32.22 3.29 5.66
C ASP A 112 -31.13 2.37 6.18
N TYR A 113 -31.41 1.65 7.27
CA TYR A 113 -30.44 0.75 7.88
C TYR A 113 -31.13 -0.52 8.39
N VAL A 114 -30.37 -1.62 8.44
CA VAL A 114 -30.91 -2.92 8.87
C VAL A 114 -31.01 -2.92 10.38
N LYS A 115 -32.22 -3.17 10.91
CA LYS A 115 -32.46 -3.10 12.35
CA LYS A 115 -32.46 -3.09 12.35
C LYS A 115 -31.82 -4.26 13.08
N PRO A 116 -31.39 -4.04 14.35
CA PRO A 116 -30.82 -5.13 15.12
C PRO A 116 -31.70 -6.39 15.15
N GLY A 117 -33.03 -6.19 15.23
CA GLY A 117 -33.98 -7.31 15.24
C GLY A 117 -33.99 -8.14 13.97
N GLU A 118 -33.77 -7.49 12.84
CA GLU A 118 -33.73 -8.15 11.55
CA GLU A 118 -33.73 -8.16 11.55
C GLU A 118 -32.46 -9.01 11.39
N VAL A 119 -31.35 -8.53 11.95
CA VAL A 119 -30.09 -9.32 11.97
C VAL A 119 -30.25 -10.51 12.93
N GLU A 120 -30.82 -10.23 14.10
CA GLU A 120 -31.09 -11.26 15.10
C GLU A 120 -31.91 -12.43 14.54
N GLU A 121 -32.98 -12.10 13.82
CA GLU A 121 -33.87 -13.08 13.20
C GLU A 121 -33.09 -14.02 12.26
N GLU A 122 -32.20 -13.42 11.47
CA GLU A 122 -31.43 -14.18 10.49
C GLU A 122 -30.43 -15.11 11.15
N VAL A 123 -29.68 -14.60 12.13
CA VAL A 123 -28.62 -15.41 12.75
C VAL A 123 -29.20 -16.49 13.68
N ARG A 124 -30.47 -16.34 14.06
CA ARG A 124 -31.16 -17.34 14.89
C ARG A 124 -31.71 -18.46 14.05
N LYS A 125 -32.11 -18.13 12.82
CA LYS A 125 -32.65 -19.09 11.87
C LYS A 125 -31.57 -19.99 11.26
N SER A 126 -30.44 -19.39 10.91
CA SER A 126 -29.34 -20.07 10.21
C SER A 126 -28.02 -19.85 10.93
N GLU A 127 -27.11 -20.79 10.73
CA GLU A 127 -25.83 -20.81 11.41
C GLU A 127 -24.80 -20.08 10.55
N TYR A 128 -24.20 -19.04 11.11
CA TYR A 128 -23.21 -18.23 10.39
C TYR A 128 -21.87 -18.22 11.13
N LYS A 129 -20.79 -18.38 10.39
CA LYS A 129 -19.45 -18.27 10.96
C LYS A 129 -19.09 -16.80 11.24
N LEU A 130 -19.42 -15.94 10.29
CA LEU A 130 -19.00 -14.54 10.33
CA LEU A 130 -18.99 -14.55 10.32
C LEU A 130 -20.11 -13.58 9.92
N VAL A 131 -20.26 -12.51 10.70
CA VAL A 131 -21.16 -11.43 10.38
C VAL A 131 -20.35 -10.15 10.14
N ALA A 132 -20.60 -9.50 9.00
CA ALA A 132 -19.94 -8.26 8.62
C ALA A 132 -20.90 -7.09 8.72
N LEU A 133 -20.47 -6.06 9.47
CA LEU A 133 -21.25 -4.83 9.65
C LEU A 133 -20.47 -3.63 9.06
N THR A 134 -21.18 -2.56 8.70
CA THR A 134 -20.54 -1.27 8.37
C THR A 134 -20.95 -0.26 9.41
N HIS A 135 -19.97 0.32 10.12
CA HIS A 135 -20.33 1.30 11.18
C HIS A 135 -20.97 2.56 10.57
N VAL A 136 -20.28 3.19 9.61
CA VAL A 136 -20.89 4.28 8.86
C VAL A 136 -20.78 3.97 7.38
N GLU A 137 -21.92 3.89 6.71
CA GLU A 137 -22.01 3.72 5.28
C GLU A 137 -21.82 5.06 4.57
N THR A 138 -20.62 5.23 4.02
CA THR A 138 -20.17 6.49 3.44
C THR A 138 -21.03 6.94 2.28
N SER A 139 -21.64 6.00 1.56
CA SER A 139 -22.47 6.40 0.40
C SER A 139 -23.74 7.17 0.81
N THR A 140 -24.25 6.92 2.01
CA THR A 140 -25.55 7.50 2.42
C THR A 140 -25.47 8.31 3.70
N GLY A 141 -24.32 8.26 4.37
CA GLY A 141 -24.12 8.91 5.67
C GLY A 141 -24.94 8.27 6.78
N VAL A 142 -25.19 6.97 6.66
CA VAL A 142 -26.03 6.23 7.60
C VAL A 142 -25.17 5.41 8.57
N ARG A 143 -25.36 5.62 9.87
CA ARG A 143 -24.62 4.91 10.91
C ARG A 143 -25.48 3.74 11.43
N GLU A 144 -24.91 2.55 11.39
CA GLU A 144 -25.57 1.35 11.87
C GLU A 144 -25.38 1.34 13.39
N PRO A 145 -26.43 0.97 14.17
CA PRO A 145 -26.29 0.82 15.63
C PRO A 145 -25.61 -0.49 16.01
N VAL A 146 -24.29 -0.46 15.90
CA VAL A 146 -23.47 -1.65 16.03
CA VAL A 146 -23.43 -1.62 16.05
C VAL A 146 -23.56 -2.29 17.41
N LYS A 147 -23.50 -1.49 18.47
CA LYS A 147 -23.64 -2.02 19.82
CA LYS A 147 -23.65 -2.02 19.82
C LYS A 147 -24.95 -2.81 19.94
N ASP A 148 -26.06 -2.20 19.54
CA ASP A 148 -27.39 -2.86 19.58
C ASP A 148 -27.47 -4.13 18.73
N VAL A 149 -26.92 -4.09 17.52
CA VAL A 149 -26.85 -5.30 16.68
C VAL A 149 -26.05 -6.41 17.35
N ILE A 150 -24.87 -6.08 17.86
CA ILE A 150 -23.99 -7.09 18.46
C ILE A 150 -24.59 -7.67 19.75
N ASN A 151 -25.21 -6.81 20.56
CA ASN A 151 -25.90 -7.26 21.77
CA ASN A 151 -25.89 -7.27 21.77
C ASN A 151 -26.87 -8.41 21.46
N LYS A 152 -27.58 -8.29 20.34
CA LYS A 152 -28.54 -9.29 19.94
C LYS A 152 -27.90 -10.55 19.36
N ILE A 153 -26.84 -10.37 18.56
CA ILE A 153 -26.31 -11.51 17.77
C ILE A 153 -25.10 -12.22 18.34
N ARG A 154 -24.42 -11.61 19.32
CA ARG A 154 -23.13 -12.12 19.79
C ARG A 154 -23.15 -13.64 20.06
N LYS A 155 -24.22 -14.11 20.72
CA LYS A 155 -24.26 -15.50 21.17
C LYS A 155 -24.58 -16.49 20.05
N TYR A 156 -24.98 -16.00 18.87
CA TYR A 156 -25.37 -16.86 17.75
C TYR A 156 -24.32 -17.09 16.67
N VAL A 157 -23.23 -16.33 16.72
CA VAL A 157 -22.24 -16.31 15.62
C VAL A 157 -20.82 -16.41 16.12
N GLU A 158 -19.94 -17.02 15.33
CA GLU A 158 -18.57 -17.23 15.80
CA GLU A 158 -18.57 -17.22 15.79
C GLU A 158 -17.76 -15.92 15.76
N LEU A 159 -17.93 -15.14 14.68
CA LEU A 159 -17.07 -13.97 14.45
C LEU A 159 -17.88 -12.75 14.01
N ILE A 160 -17.53 -11.58 14.54
CA ILE A 160 -18.16 -10.33 14.09
C ILE A 160 -17.08 -9.32 13.67
N VAL A 161 -17.21 -8.81 12.45
CA VAL A 161 -16.29 -7.83 11.90
CA VAL A 161 -16.29 -7.83 11.90
C VAL A 161 -17.05 -6.54 11.61
N VAL A 162 -16.41 -5.41 11.88
CA VAL A 162 -17.03 -4.10 11.64
C VAL A 162 -16.11 -3.26 10.80
N ASP A 163 -16.60 -2.81 9.64
CA ASP A 163 -15.91 -1.83 8.84
C ASP A 163 -16.17 -0.44 9.45
N GLY A 164 -15.16 0.07 10.17
CA GLY A 164 -15.13 1.43 10.71
C GLY A 164 -14.26 2.41 9.96
N VAL A 165 -14.11 2.22 8.64
CA VAL A 165 -13.32 3.13 7.84
C VAL A 165 -13.78 4.61 7.99
N SER A 166 -15.09 4.87 7.99
CA SER A 166 -15.63 6.21 8.19
CA SER A 166 -15.64 6.21 8.19
C SER A 166 -16.22 6.45 9.60
N SER A 167 -15.81 5.66 10.56
CA SER A 167 -16.28 5.89 11.94
C SER A 167 -15.17 6.05 13.02
N VAL A 168 -14.12 5.25 12.92
CA VAL A 168 -13.05 5.25 13.92
C VAL A 168 -12.36 6.63 13.95
N GLY A 169 -12.24 7.18 15.13
CA GLY A 169 -11.66 8.51 15.34
C GLY A 169 -12.71 9.59 15.35
N ALA A 170 -13.98 9.23 15.18
CA ALA A 170 -15.06 10.24 15.13
C ALA A 170 -16.34 9.83 15.86
N GLU A 171 -16.71 8.55 15.73
CA GLU A 171 -17.90 8.00 16.40
C GLU A 171 -17.40 7.20 17.58
N GLU A 172 -18.23 7.02 18.61
CA GLU A 172 -17.88 6.10 19.69
C GLU A 172 -17.59 4.70 19.11
N VAL A 173 -16.45 4.15 19.47
CA VAL A 173 -16.10 2.77 19.11
C VAL A 173 -15.58 2.10 20.38
N LYS A 174 -16.18 0.96 20.73
CA LYS A 174 -15.79 0.20 21.92
C LYS A 174 -15.57 -1.26 21.55
N ALA A 175 -14.46 -1.54 20.90
CA ALA A 175 -14.25 -2.86 20.29
C ALA A 175 -14.27 -3.99 21.32
N GLU A 176 -13.60 -3.82 22.45
CA GLU A 176 -13.55 -4.87 23.48
C GLU A 176 -14.90 -5.02 24.23
N GLU A 177 -15.43 -3.89 24.68
CA GLU A 177 -16.69 -3.90 25.43
C GLU A 177 -17.85 -4.47 24.62
N TRP A 178 -17.91 -4.14 23.33
CA TRP A 178 -18.94 -4.68 22.45
C TRP A 178 -18.62 -6.09 21.96
N ASN A 179 -17.41 -6.57 22.26
CA ASN A 179 -16.94 -7.92 21.87
C ASN A 179 -16.93 -8.09 20.33
N VAL A 180 -16.19 -7.21 19.65
CA VAL A 180 -15.99 -7.29 18.18
C VAL A 180 -14.74 -8.10 17.96
N ASP A 181 -14.74 -8.93 16.92
CA ASP A 181 -13.56 -9.75 16.62
C ASP A 181 -12.54 -9.11 15.70
N VAL A 182 -13.05 -8.33 14.72
CA VAL A 182 -12.21 -7.47 13.87
C VAL A 182 -12.89 -6.11 13.74
N TYR A 183 -12.22 -5.06 14.16
CA TYR A 183 -12.71 -3.71 13.93
C TYR A 183 -11.64 -3.10 13.03
N LEU A 184 -12.03 -2.53 11.88
CA LEU A 184 -11.01 -2.10 10.95
C LEU A 184 -11.28 -0.66 10.49
N THR A 185 -10.23 0.01 10.06
CA THR A 185 -10.32 1.36 9.53
C THR A 185 -9.21 1.61 8.49
N ALA A 186 -9.07 2.85 8.06
CA ALA A 186 -8.00 3.26 7.12
C ALA A 186 -7.29 4.47 7.68
N SER A 187 -6.12 4.81 7.13
CA SER A 187 -5.38 5.94 7.65
C SER A 187 -5.95 7.33 7.30
N GLN A 188 -6.65 7.42 6.19
CA GLN A 188 -6.94 8.72 5.57
C GLN A 188 -8.32 9.30 5.85
N LYS A 189 -9.11 8.67 6.71
CA LYS A 189 -10.47 9.21 6.91
C LYS A 189 -10.56 9.99 8.25
N ALA A 190 -11.30 9.50 9.26
CA ALA A 190 -11.46 10.29 10.48
C ALA A 190 -10.19 10.39 11.34
N LEU A 191 -9.21 9.51 11.06
CA LEU A 191 -7.90 9.62 11.70
C LEU A 191 -7.11 10.78 11.10
N GLY A 192 -7.48 11.19 9.87
CA GLY A 192 -6.93 12.40 9.24
C GLY A 192 -5.44 12.32 8.92
N SER A 193 -4.95 11.14 8.54
CA SER A 193 -3.54 10.99 8.16
C SER A 193 -3.41 10.73 6.66
N ALA A 194 -2.19 10.51 6.18
CA ALA A 194 -2.00 10.27 4.73
C ALA A 194 -2.50 8.86 4.35
N ALA A 195 -2.97 8.69 3.12
CA ALA A 195 -3.50 7.41 2.61
C ALA A 195 -2.41 6.38 2.37
N GLY A 196 -2.77 5.09 2.46
CA GLY A 196 -1.83 3.99 2.19
C GLY A 196 -1.77 2.84 3.19
N LEU A 197 -2.59 2.95 4.25
CA LEU A 197 -2.62 1.94 5.32
C LEU A 197 -4.03 1.48 5.65
N GLY A 198 -4.21 0.17 5.78
CA GLY A 198 -5.41 -0.40 6.39
C GLY A 198 -5.04 -0.71 7.83
N LEU A 199 -6.00 -0.61 8.75
CA LEU A 199 -5.73 -0.82 10.18
CA LEU A 199 -5.72 -0.81 10.18
C LEU A 199 -6.75 -1.77 10.79
N LEU A 200 -6.28 -2.74 11.60
CA LEU A 200 -7.19 -3.76 12.12
C LEU A 200 -6.92 -3.98 13.59
N LEU A 201 -7.97 -4.27 14.34
CA LEU A 201 -7.85 -4.68 15.77
C LEU A 201 -8.57 -6.01 15.94
N LEU A 202 -7.85 -7.00 16.45
CA LEU A 202 -8.33 -8.37 16.50
C LEU A 202 -8.54 -8.82 17.95
N SER A 203 -9.65 -9.49 18.17
CA SER A 203 -9.94 -10.09 19.48
C SER A 203 -9.04 -11.30 19.73
N PRO A 204 -8.94 -11.72 21.01
CA PRO A 204 -8.27 -12.99 21.29
C PRO A 204 -8.76 -14.16 20.42
N LYS A 205 -10.08 -14.27 20.21
CA LYS A 205 -10.64 -15.37 19.45
C LYS A 205 -10.10 -15.31 18.00
N ALA A 206 -10.12 -14.12 17.41
CA ALA A 206 -9.54 -13.92 16.08
C ALA A 206 -8.06 -14.27 16.06
N LEU A 207 -7.32 -13.82 17.06
CA LEU A 207 -5.89 -14.11 17.13
CA LEU A 207 -5.89 -14.10 17.13
C LEU A 207 -5.60 -15.60 17.19
N SER A 208 -6.43 -16.36 17.93
CA SER A 208 -6.25 -17.80 18.06
CA SER A 208 -6.24 -17.80 18.06
CA SER A 208 -6.24 -17.80 18.06
C SER A 208 -6.43 -18.49 16.71
N ILE A 209 -7.32 -17.97 15.88
CA ILE A 209 -7.50 -18.53 14.52
C ILE A 209 -6.23 -18.35 13.68
N LEU A 210 -5.66 -17.14 13.70
CA LEU A 210 -4.39 -16.88 13.00
C LEU A 210 -3.29 -17.82 13.47
N ASP A 211 -3.21 -18.01 14.79
CA ASP A 211 -2.10 -18.76 15.36
C ASP A 211 -2.23 -20.29 15.24
N SER A 212 -3.45 -20.79 15.06
CA SER A 212 -3.69 -22.24 15.12
C SER A 212 -4.33 -22.87 13.89
N GLN A 213 -4.82 -22.07 12.95
CA GLN A 213 -5.52 -22.61 11.80
CA GLN A 213 -5.53 -22.61 11.80
C GLN A 213 -4.96 -22.09 10.48
N ASN A 214 -5.19 -22.88 9.42
CA ASN A 214 -4.94 -22.47 8.03
CA ASN A 214 -4.93 -22.44 8.05
C ASN A 214 -6.08 -21.55 7.57
N SER A 215 -5.99 -21.01 6.36
CA SER A 215 -7.08 -20.15 5.92
C SER A 215 -7.13 -20.08 4.41
N ILE A 216 -8.13 -19.39 3.89
CA ILE A 216 -8.26 -19.21 2.43
C ILE A 216 -7.57 -17.93 1.95
N ALA A 217 -6.85 -17.25 2.82
CA ALA A 217 -6.17 -15.99 2.40
C ALA A 217 -5.14 -16.22 1.29
N GLY A 218 -4.89 -15.16 0.53
CA GLY A 218 -3.72 -15.10 -0.33
C GLY A 218 -2.44 -14.96 0.46
N TYR A 219 -1.46 -14.34 -0.17
CA TYR A 219 -0.17 -14.14 0.45
C TYR A 219 -0.03 -12.76 1.09
N TYR A 220 -0.04 -11.69 0.28
CA TYR A 220 0.09 -10.32 0.79
C TYR A 220 -0.90 -9.94 1.89
N LEU A 221 -2.11 -10.46 1.80
CA LEU A 221 -3.19 -10.07 2.73
C LEU A 221 -3.50 -11.11 3.78
N ASP A 222 -2.64 -12.13 3.90
CA ASP A 222 -2.78 -13.05 5.03
C ASP A 222 -2.20 -12.35 6.25
N LEU A 223 -3.06 -12.06 7.23
CA LEU A 223 -2.67 -11.40 8.46
C LEU A 223 -1.57 -12.17 9.24
N ARG A 224 -1.50 -13.49 9.04
CA ARG A 224 -0.37 -14.28 9.58
C ARG A 224 1.01 -13.78 9.15
N ASN A 225 1.13 -13.26 7.92
CA ASN A 225 2.40 -12.77 7.45
C ASN A 225 2.82 -11.43 8.05
N TRP A 226 1.84 -10.62 8.48
CA TRP A 226 2.15 -9.30 9.06
C TRP A 226 2.32 -9.37 10.58
N LEU A 227 1.72 -10.39 11.19
CA LEU A 227 1.74 -10.53 12.66
C LEU A 227 3.15 -10.48 13.30
N PRO A 228 4.14 -11.20 12.73
CA PRO A 228 5.49 -11.10 13.29
C PRO A 228 6.05 -9.68 13.24
N VAL A 229 5.71 -8.91 12.20
CA VAL A 229 6.16 -7.52 12.14
C VAL A 229 5.53 -6.67 13.24
N MET A 230 4.24 -6.92 13.53
CA MET A 230 3.49 -6.15 14.55
C MET A 230 3.92 -6.48 15.98
N ARG A 231 3.97 -7.78 16.27
CA ARG A 231 4.49 -8.27 17.55
CA ARG A 231 4.49 -8.29 17.54
C ARG A 231 5.93 -7.81 17.75
N GLY A 232 6.76 -7.96 16.72
CA GLY A 232 8.13 -7.47 16.75
C GLY A 232 8.19 -6.01 17.18
N ALA A 233 7.49 -5.13 16.46
CA ALA A 233 7.49 -3.67 16.74
C ALA A 233 7.24 -3.35 18.21
N GLU A 234 6.28 -4.04 18.81
CA GLU A 234 5.91 -3.76 20.19
C GLU A 234 6.95 -4.25 21.18
N GLU A 235 7.89 -5.08 20.71
CA GLU A 235 9.01 -5.56 21.53
CA GLU A 235 9.01 -5.55 21.53
C GLU A 235 10.28 -4.79 21.16
N GLY A 236 10.10 -3.73 20.36
CA GLY A 236 11.21 -2.90 19.89
C GLY A 236 12.13 -3.57 18.88
N LYS A 237 11.60 -4.57 18.16
CA LYS A 237 12.39 -5.37 17.21
C LYS A 237 11.95 -5.15 15.75
N ALA A 238 12.92 -5.07 14.85
CA ALA A 238 12.63 -4.98 13.43
C ALA A 238 12.36 -6.39 12.88
N ALA A 239 11.45 -6.48 11.91
CA ALA A 239 11.18 -7.73 11.21
C ALA A 239 10.83 -7.41 9.76
N TYR A 240 10.93 -8.39 8.87
CA TYR A 240 10.58 -8.14 7.46
C TYR A 240 9.62 -9.17 6.92
N PHE A 241 8.46 -8.72 6.45
CA PHE A 241 7.64 -9.60 5.64
C PHE A 241 7.69 -9.02 4.23
N ALA A 242 7.14 -7.81 4.11
CA ALA A 242 7.19 -7.08 2.84
C ALA A 242 7.38 -5.62 3.20
N THR A 243 7.93 -4.81 2.30
CA THR A 243 8.21 -3.42 2.67
C THR A 243 6.89 -2.67 2.92
N PRO A 244 6.72 -2.10 4.14
CA PRO A 244 5.53 -1.29 4.45
C PRO A 244 5.70 0.17 4.00
N PRO A 245 4.59 0.95 3.99
CA PRO A 245 4.72 2.34 3.61
C PRO A 245 5.37 3.15 4.77
N VAL A 246 6.70 3.15 4.79
CA VAL A 246 7.49 3.62 5.96
C VAL A 246 7.09 5.04 6.40
N HIS A 247 7.10 5.97 5.45
CA HIS A 247 6.82 7.38 5.74
C HIS A 247 5.35 7.64 6.06
N VAL A 248 4.46 6.84 5.47
CA VAL A 248 3.03 6.94 5.76
C VAL A 248 2.78 6.55 7.23
N ILE A 249 3.53 5.57 7.70
CA ILE A 249 3.41 5.10 9.10
C ILE A 249 3.98 6.15 10.09
N LEU A 250 5.03 6.85 9.69
CA LEU A 250 5.56 7.98 10.50
C LEU A 250 4.48 9.06 10.64
N GLN A 251 3.83 9.40 9.51
CA GLN A 251 2.73 10.37 9.54
C GLN A 251 1.59 9.87 10.45
N LEU A 252 1.24 8.59 10.33
CA LEU A 252 0.19 7.98 11.18
C LEU A 252 0.51 8.12 12.69
N ALA A 253 1.77 7.91 13.09
CA ALA A 253 2.13 7.99 14.52
C ALA A 253 1.89 9.41 15.09
N GLU A 254 2.20 10.39 14.24
CA GLU A 254 1.98 11.79 14.57
C GLU A 254 0.48 12.11 14.62
N ALA A 255 -0.32 11.58 13.68
CA ALA A 255 -1.79 11.73 13.80
C ALA A 255 -2.26 11.18 15.16
N PHE A 256 -1.79 9.98 15.52
CA PHE A 256 -2.22 9.42 16.79
C PHE A 256 -1.77 10.26 18.01
N ARG A 257 -0.60 10.89 17.92
CA ARG A 257 -0.11 11.77 19.00
C ARG A 257 -1.10 12.92 19.19
N LEU A 258 -1.48 13.56 18.08
CA LEU A 258 -2.47 14.65 18.10
C LEU A 258 -3.86 14.22 18.60
N ILE A 259 -4.29 13.00 18.26
CA ILE A 259 -5.58 12.45 18.71
C ILE A 259 -5.57 12.23 20.22
N GLU A 260 -4.48 11.66 20.73
CA GLU A 260 -4.38 11.43 22.18
CA GLU A 260 -4.36 11.43 22.19
C GLU A 260 -4.29 12.77 22.93
N LYS A 261 -3.59 13.74 22.35
CA LYS A 261 -3.52 15.09 22.92
C LYS A 261 -4.91 15.75 23.05
N GLU A 262 -5.73 15.70 22.00
CA GLU A 262 -7.09 16.21 22.07
C GLU A 262 -7.95 15.37 23.04
N GLY A 263 -7.71 14.05 23.04
CA GLY A 263 -8.50 13.11 23.80
C GLY A 263 -9.62 12.58 22.94
N ILE A 264 -9.77 11.26 22.91
CA ILE A 264 -10.76 10.62 22.03
C ILE A 264 -12.21 11.00 22.37
N GLU A 265 -12.55 11.08 23.66
CA GLU A 265 -13.91 11.51 24.05
CA GLU A 265 -13.91 11.51 24.04
C GLU A 265 -14.21 12.93 23.54
N ASN A 266 -13.23 13.83 23.67
CA ASN A 266 -13.38 15.20 23.21
C ASN A 266 -13.51 15.24 21.68
N ARG A 267 -12.76 14.37 21.00
CA ARG A 267 -12.79 14.29 19.54
CA ARG A 267 -12.79 14.29 19.54
C ARG A 267 -14.16 13.83 19.06
N ILE A 268 -14.72 12.83 19.74
CA ILE A 268 -16.06 12.33 19.42
C ILE A 268 -17.08 13.47 19.61
N LYS A 269 -17.01 14.14 20.76
CA LYS A 269 -17.91 15.26 21.06
CA LYS A 269 -17.91 15.27 21.07
C LYS A 269 -17.83 16.36 20.02
N ARG A 270 -16.60 16.69 19.58
CA ARG A 270 -16.41 17.68 18.48
C ARG A 270 -17.11 17.25 17.20
N HIS A 271 -16.93 15.99 16.77
CA HIS A 271 -17.66 15.49 15.60
C HIS A 271 -19.18 15.56 15.79
N THR A 272 -19.67 15.17 16.96
CA THR A 272 -21.12 15.25 17.24
C THR A 272 -21.63 16.70 17.10
N MET A 273 -20.89 17.65 17.70
CA MET A 273 -21.27 19.06 17.67
CA MET A 273 -21.27 19.06 17.67
C MET A 273 -21.25 19.62 16.25
N VAL A 274 -20.14 19.39 15.55
CA VAL A 274 -20.00 19.91 14.19
C VAL A 274 -21.07 19.31 13.28
N ALA A 275 -21.27 18.00 13.35
CA ALA A 275 -22.28 17.34 12.49
C ALA A 275 -23.71 17.85 12.78
N SER A 276 -24.09 17.93 14.06
CA SER A 276 -25.40 18.45 14.45
CA SER A 276 -25.40 18.45 14.44
C SER A 276 -25.58 19.89 13.96
N ALA A 277 -24.52 20.69 14.04
CA ALA A 277 -24.56 22.08 13.57
C ALA A 277 -24.80 22.18 12.08
N ILE A 278 -24.07 21.36 11.29
CA ILE A 278 -24.25 21.36 9.83
C ILE A 278 -25.66 20.90 9.48
N ARG A 279 -26.13 19.85 10.16
CA ARG A 279 -27.48 19.32 9.91
C ARG A 279 -28.57 20.37 10.21
N ALA A 280 -28.41 21.07 11.33
CA ALA A 280 -29.29 22.18 11.72
C ALA A 280 -29.35 23.21 10.61
N GLY A 281 -28.19 23.54 10.05
CA GLY A 281 -28.11 24.47 8.94
C GLY A 281 -28.80 23.99 7.68
N LEU A 282 -28.68 22.70 7.39
CA LEU A 282 -29.31 22.13 6.19
C LEU A 282 -30.84 22.12 6.31
N GLU A 283 -31.32 21.76 7.49
CA GLU A 283 -32.74 21.75 7.78
CA GLU A 283 -32.74 21.75 7.79
C GLU A 283 -33.31 23.17 7.68
N ALA A 284 -32.66 24.13 8.33
CA ALA A 284 -33.09 25.53 8.27
C ALA A 284 -33.10 26.08 6.83
N LEU A 285 -32.28 25.50 5.95
CA LEU A 285 -32.31 25.85 4.51
C LEU A 285 -33.48 25.19 3.81
N GLY A 286 -34.14 24.26 4.51
CA GLY A 286 -35.21 23.46 3.91
C GLY A 286 -34.68 22.35 3.00
N LEU A 287 -33.46 21.90 3.25
CA LEU A 287 -32.87 20.77 2.50
C LEU A 287 -33.09 19.44 3.23
N GLU A 288 -33.32 18.40 2.43
CA GLU A 288 -33.59 17.04 2.93
C GLU A 288 -32.29 16.21 2.99
N ILE A 289 -32.12 15.49 4.10
CA ILE A 289 -30.95 14.62 4.29
C ILE A 289 -31.22 13.23 3.67
N VAL A 290 -30.20 12.60 3.09
CA VAL A 290 -30.34 11.28 2.46
C VAL A 290 -30.72 10.20 3.50
N ALA A 291 -29.99 10.14 4.61
CA ALA A 291 -30.29 9.19 5.67
C ALA A 291 -31.76 9.29 6.06
N ARG A 292 -32.47 8.17 5.99
CA ARG A 292 -33.92 8.13 6.24
C ARG A 292 -34.29 8.28 7.69
N ARG A 293 -33.48 7.75 8.57
CA ARG A 293 -33.78 7.66 9.98
C ARG A 293 -32.80 8.51 10.82
N PRO A 294 -33.32 9.55 11.52
CA PRO A 294 -32.48 10.53 12.24
C PRO A 294 -31.53 9.95 13.27
N GLU A 295 -31.93 8.87 13.93
CA GLU A 295 -31.07 8.18 14.90
CA GLU A 295 -31.08 8.17 14.89
C GLU A 295 -29.79 7.62 14.25
N SER A 296 -29.80 7.51 12.92
CA SER A 296 -28.64 6.97 12.20
C SER A 296 -27.83 8.04 11.43
N TYR A 297 -28.15 9.32 11.62
CA TYR A 297 -27.36 10.43 11.04
C TYR A 297 -25.91 10.34 11.51
N SER A 298 -25.00 9.97 10.61
CA SER A 298 -23.60 9.83 10.97
C SER A 298 -22.99 11.19 11.24
N ASN A 299 -22.00 11.17 12.11
CA ASN A 299 -21.24 12.37 12.46
C ASN A 299 -20.00 12.60 11.57
N THR A 300 -19.88 11.84 10.49
CA THR A 300 -18.76 12.01 9.54
C THR A 300 -19.20 12.37 8.15
N VAL A 301 -20.39 11.94 7.75
CA VAL A 301 -20.88 12.14 6.37
C VAL A 301 -22.39 12.46 6.40
N THR A 302 -22.80 13.46 5.63
CA THR A 302 -24.21 13.80 5.47
C THR A 302 -24.50 13.94 3.99
N GLY A 303 -25.53 13.23 3.52
CA GLY A 303 -25.95 13.32 2.12
C GLY A 303 -27.02 14.39 2.00
N VAL A 304 -26.94 15.21 0.94
CA VAL A 304 -27.79 16.39 0.81
C VAL A 304 -28.56 16.25 -0.49
N ILE A 305 -29.87 15.99 -0.37
CA ILE A 305 -30.73 15.82 -1.53
C ILE A 305 -30.98 17.18 -2.23
N LEU A 306 -30.80 17.17 -3.55
CA LEU A 306 -31.11 18.31 -4.42
C LEU A 306 -32.35 18.04 -5.27
N LYS A 307 -33.37 18.89 -5.12
CA LYS A 307 -34.64 18.73 -5.81
C LYS A 307 -34.63 19.32 -7.22
N VAL A 308 -33.81 20.34 -7.44
CA VAL A 308 -33.76 21.02 -8.74
C VAL A 308 -32.36 21.06 -9.33
N ALA A 309 -31.41 21.61 -8.58
CA ALA A 309 -30.03 21.81 -9.05
C ALA A 309 -29.29 20.50 -9.36
N ASP A 310 -28.37 20.57 -10.32
CA ASP A 310 -27.54 19.43 -10.71
C ASP A 310 -26.33 19.30 -9.77
N PRO A 311 -26.15 18.13 -9.14
CA PRO A 311 -25.07 17.97 -8.15
C PRO A 311 -23.65 18.25 -8.66
N GLN A 312 -23.37 17.94 -9.93
CA GLN A 312 -22.06 18.26 -10.51
CA GLN A 312 -22.07 18.25 -10.53
C GLN A 312 -21.83 19.76 -10.52
N LYS A 313 -22.81 20.52 -10.99
CA LYS A 313 -22.75 21.98 -10.99
C LYS A 313 -22.53 22.50 -9.58
N VAL A 314 -23.23 21.89 -8.61
CA VAL A 314 -23.04 22.25 -7.21
C VAL A 314 -21.59 22.01 -6.76
N LEU A 315 -21.03 20.86 -7.15
CA LEU A 315 -19.64 20.52 -6.80
C LEU A 315 -18.63 21.48 -7.42
N ALA A 316 -18.83 21.81 -8.70
CA ALA A 316 -17.95 22.73 -9.42
C ALA A 316 -18.05 24.15 -8.86
N GLY A 317 -19.27 24.56 -8.53
CA GLY A 317 -19.55 25.90 -8.00
C GLY A 317 -19.09 26.17 -6.58
N THR A 318 -19.05 25.11 -5.75
CA THR A 318 -18.61 25.26 -4.35
C THR A 318 -17.09 25.38 -4.24
N VAL A 319 -16.36 24.65 -5.09
CA VAL A 319 -14.89 24.72 -5.09
C VAL A 319 -14.38 26.13 -5.45
N ASN A 320 -15.04 26.79 -6.41
CA ASN A 320 -14.74 28.15 -6.82
CA ASN A 320 -14.67 28.16 -6.77
C ASN A 320 -15.31 29.18 -5.82
N GLU A 321 -15.80 28.69 -4.68
CA GLU A 321 -16.39 29.54 -3.65
C GLU A 321 -15.73 29.26 -2.29
N GLY A 322 -14.92 28.20 -2.22
CA GLY A 322 -14.07 27.96 -1.05
C GLY A 322 -14.03 26.59 -0.38
N VAL A 323 -14.97 25.70 -0.74
CA VAL A 323 -15.06 24.33 -0.18
C VAL A 323 -15.21 23.27 -1.28
N GLU A 324 -14.53 22.13 -1.12
CA GLU A 324 -14.76 20.95 -1.97
C GLU A 324 -15.56 19.88 -1.22
N PHE A 325 -16.70 19.47 -1.78
CA PHE A 325 -17.54 18.40 -1.21
C PHE A 325 -17.31 17.09 -2.01
N ALA A 326 -18.16 16.08 -1.83
CA ALA A 326 -18.09 14.85 -2.61
C ALA A 326 -19.38 14.57 -3.38
N PRO A 327 -19.29 13.89 -4.55
CA PRO A 327 -20.50 13.57 -5.28
C PRO A 327 -21.32 12.47 -4.61
N GLY A 328 -22.59 12.37 -4.98
CA GLY A 328 -23.48 11.32 -4.51
C GLY A 328 -23.38 10.10 -5.39
N VAL A 329 -23.43 8.91 -4.79
CA VAL A 329 -23.22 7.66 -5.53
C VAL A 329 -24.24 6.58 -5.15
N HIS A 330 -25.50 6.88 -5.35
CA HIS A 330 -26.57 5.93 -5.00
C HIS A 330 -27.69 6.15 -5.99
N PRO A 331 -28.06 5.11 -6.74
CA PRO A 331 -29.03 5.26 -7.84
C PRO A 331 -30.38 5.83 -7.38
N ALA A 332 -30.71 5.66 -6.10
CA ALA A 332 -32.02 6.06 -5.58
C ALA A 332 -32.15 7.54 -5.21
N PHE A 333 -31.03 8.25 -5.15
CA PHE A 333 -31.02 9.66 -4.72
C PHE A 333 -30.28 10.57 -5.70
N LYS A 334 -30.71 11.82 -5.75
CA LYS A 334 -29.98 12.89 -6.44
C LYS A 334 -29.43 13.78 -5.34
N TYR A 335 -28.11 13.77 -5.15
CA TYR A 335 -27.51 14.37 -3.97
C TYR A 335 -26.01 14.63 -4.10
N PHE A 336 -25.47 15.40 -3.16
CA PHE A 336 -24.03 15.49 -2.93
C PHE A 336 -23.76 15.18 -1.46
N ARG A 337 -22.52 14.94 -1.11
CA ARG A 337 -22.18 14.61 0.25
C ARG A 337 -21.24 15.61 0.89
N ILE A 338 -21.46 15.85 2.18
CA ILE A 338 -20.55 16.64 2.98
C ILE A 338 -19.76 15.70 3.87
N GLY A 339 -18.45 15.73 3.74
CA GLY A 339 -17.58 15.02 4.66
C GLY A 339 -17.16 15.95 5.76
N HIS A 340 -17.42 15.56 7.00
CA HIS A 340 -17.09 16.39 8.15
C HIS A 340 -16.44 15.48 9.17
N MET A 341 -15.14 15.28 9.01
CA MET A 341 -14.42 14.29 9.79
C MET A 341 -12.92 14.60 9.88
N GLY A 342 -12.29 14.11 10.92
CA GLY A 342 -10.85 14.31 11.12
C GLY A 342 -10.65 15.54 11.99
N TRP A 343 -10.18 16.62 11.36
CA TRP A 343 -9.85 17.85 12.08
CA TRP A 343 -9.80 17.85 12.04
C TRP A 343 -10.85 18.97 11.89
N VAL A 344 -12.05 18.59 11.46
CA VAL A 344 -13.12 19.55 11.18
C VAL A 344 -13.51 20.39 12.41
N THR A 345 -13.73 21.69 12.19
CA THR A 345 -13.97 22.64 13.30
C THR A 345 -15.35 23.29 13.19
N PRO A 346 -15.83 23.88 14.30
CA PRO A 346 -17.04 24.70 14.23
C PRO A 346 -17.01 25.70 13.08
N ASN A 347 -15.87 26.37 12.85
CA ASN A 347 -15.76 27.34 11.75
C ASN A 347 -15.93 26.73 10.36
N ASP A 348 -15.45 25.50 10.17
CA ASP A 348 -15.69 24.79 8.92
C ASP A 348 -17.20 24.59 8.68
N ALA A 349 -17.94 24.32 9.76
CA ALA A 349 -19.41 24.16 9.67
C ALA A 349 -20.08 25.46 9.16
N ILE A 350 -19.68 26.60 9.74
CA ILE A 350 -20.18 27.91 9.27
CA ILE A 350 -20.17 27.91 9.27
C ILE A 350 -19.91 28.09 7.78
N ILE A 351 -18.66 27.87 7.37
CA ILE A 351 -18.26 28.04 5.97
CA ILE A 351 -18.25 28.04 5.97
C ILE A 351 -19.03 27.10 5.04
N ALA A 352 -19.13 25.83 5.43
CA ALA A 352 -19.83 24.85 4.58
C ALA A 352 -21.28 25.29 4.22
N ILE A 353 -22.04 25.66 5.24
CA ILE A 353 -23.43 26.11 5.06
C ILE A 353 -23.49 27.43 4.28
N SER A 354 -22.59 28.35 4.60
CA SER A 354 -22.48 29.61 3.84
CA SER A 354 -22.47 29.61 3.84
C SER A 354 -22.29 29.32 2.36
N VAL A 355 -21.33 28.45 2.06
CA VAL A 355 -21.00 28.08 0.67
C VAL A 355 -22.17 27.36 0.02
N ILE A 356 -22.82 26.47 0.78
CA ILE A 356 -23.97 25.77 0.24
C ILE A 356 -25.09 26.76 -0.13
N GLU A 357 -25.36 27.72 0.77
CA GLU A 357 -26.40 28.73 0.52
C GLU A 357 -26.14 29.50 -0.78
N ARG A 358 -24.95 30.10 -0.91
CA ARG A 358 -24.70 30.93 -2.09
C ARG A 358 -24.54 30.16 -3.41
N THR A 359 -24.15 28.89 -3.31
CA THR A 359 -24.05 28.06 -4.49
C THR A 359 -25.45 27.66 -4.99
N LEU A 360 -26.32 27.26 -4.07
CA LEU A 360 -27.69 26.82 -4.42
C LEU A 360 -28.56 27.99 -4.91
N ARG A 361 -28.31 29.18 -4.37
CA ARG A 361 -28.96 30.41 -4.82
CA ARG A 361 -28.95 30.41 -4.82
C ARG A 361 -28.73 30.64 -6.32
N LYS A 362 -27.46 30.56 -6.74
CA LYS A 362 -27.10 30.79 -8.13
CA LYS A 362 -27.10 30.79 -8.13
C LYS A 362 -27.57 29.69 -9.08
N LEU A 363 -27.99 28.56 -8.51
CA LEU A 363 -28.39 27.40 -9.32
C LEU A 363 -29.89 27.06 -9.25
N GLY A 364 -30.65 27.85 -8.48
CA GLY A 364 -32.11 27.76 -8.47
C GLY A 364 -32.71 26.62 -7.67
N GLU A 365 -31.98 26.16 -6.65
CA GLU A 365 -32.52 25.18 -5.72
C GLU A 365 -33.41 25.89 -4.70
N PRO A 366 -34.67 25.41 -4.53
CA PRO A 366 -35.56 26.01 -3.55
C PRO A 366 -35.03 25.91 -2.13
N ILE A 367 -34.55 27.04 -1.60
CA ILE A 367 -34.04 27.10 -0.24
C ILE A 367 -34.52 28.35 0.49
N ARG A 368 -34.40 28.32 1.82
CA ARG A 368 -34.76 29.45 2.66
CA ARG A 368 -34.76 29.45 2.66
C ARG A 368 -33.53 30.31 2.95
N PHE A 369 -33.34 31.38 2.17
CA PHE A 369 -32.18 32.28 2.31
C PHE A 369 -32.10 32.94 3.67
N GLY A 370 -30.87 33.19 4.13
CA GLY A 370 -30.62 33.92 5.36
C GLY A 370 -30.89 33.17 6.65
N GLU A 371 -31.07 31.85 6.54
CA GLU A 371 -31.43 31.03 7.69
C GLU A 371 -30.37 29.98 8.05
N GLY A 372 -29.64 29.52 7.05
CA GLY A 372 -28.59 28.52 7.25
C GLY A 372 -27.58 28.81 8.36
N VAL A 373 -26.83 29.92 8.22
CA VAL A 373 -25.73 30.21 9.13
C VAL A 373 -26.15 30.46 10.58
N LYS A 374 -27.25 31.19 10.78
CA LYS A 374 -27.77 31.39 12.15
C LYS A 374 -28.11 30.07 12.83
N ALA A 375 -28.74 29.16 12.07
CA ALA A 375 -29.04 27.83 12.60
C ALA A 375 -27.77 27.13 13.09
N VAL A 376 -26.72 27.18 12.26
CA VAL A 376 -25.39 26.66 12.62
C VAL A 376 -24.84 27.37 13.87
N GLU A 377 -24.85 28.70 13.84
CA GLU A 377 -24.35 29.50 14.98
C GLU A 377 -25.09 29.14 16.25
N GLU A 378 -26.41 28.95 16.14
CA GLU A 378 -27.22 28.60 17.31
C GLU A 378 -26.73 27.33 17.98
N VAL A 379 -26.47 26.28 17.19
CA VAL A 379 -25.98 25.01 17.76
C VAL A 379 -24.60 25.18 18.42
N LEU A 380 -23.70 25.89 17.73
CA LEU A 380 -22.36 26.11 18.26
C LEU A 380 -22.40 27.00 19.51
N PHE A 381 -23.36 27.92 19.53
CA PHE A 381 -23.61 28.81 20.70
C PHE A 381 -23.84 28.03 22.01
N SER A 382 -24.63 26.96 21.94
CA SER A 382 -24.82 26.02 23.02
C SER A 382 -23.49 25.31 23.26
N LEU B 6 24.32 2.71 3.02
CA LEU B 6 24.03 2.00 1.75
C LEU B 6 23.35 0.63 1.98
N HIS B 7 22.02 0.67 2.10
CA HIS B 7 21.18 -0.47 2.49
C HIS B 7 20.27 -0.96 1.35
N VAL B 8 19.79 -2.20 1.48
CA VAL B 8 18.71 -2.76 0.65
C VAL B 8 17.40 -2.01 0.96
N GLY B 9 16.96 -1.21 -0.02
CA GLY B 9 15.94 -0.21 0.21
C GLY B 9 16.65 1.05 0.71
N PRO B 10 17.35 1.75 -0.21
CA PRO B 10 18.08 2.96 0.20
C PRO B 10 17.26 3.69 1.24
N THR B 11 17.90 4.00 2.37
CA THR B 11 17.24 4.74 3.45
C THR B 11 17.22 6.26 3.20
N THR B 12 18.15 6.74 2.36
CA THR B 12 18.21 8.14 1.95
C THR B 12 17.46 8.40 0.64
N ILE B 13 16.46 9.28 0.75
CA ILE B 13 15.64 9.70 -0.38
C ILE B 13 16.00 11.16 -0.67
N LYS B 14 16.18 11.50 -1.95
CA LYS B 14 16.39 12.90 -2.34
C LYS B 14 15.35 13.82 -1.68
N GLU B 15 15.82 14.97 -1.20
CA GLU B 15 14.97 15.94 -0.52
CA GLU B 15 14.98 15.96 -0.52
C GLU B 15 13.83 16.45 -1.41
N ASP B 16 14.13 16.71 -2.68
CA ASP B 16 13.12 17.12 -3.65
C ASP B 16 11.95 16.13 -3.70
N VAL B 17 12.29 14.84 -3.58
CA VAL B 17 11.28 13.78 -3.68
C VAL B 17 10.38 13.80 -2.45
N LEU B 18 10.98 13.81 -1.26
CA LEU B 18 10.20 13.83 -0.02
C LEU B 18 9.32 15.06 0.12
N VAL B 19 9.87 16.22 -0.28
CA VAL B 19 9.18 17.50 -0.16
C VAL B 19 7.94 17.52 -1.05
N ALA B 20 8.02 16.85 -2.20
CA ALA B 20 6.88 16.73 -3.12
C ALA B 20 5.64 16.16 -2.44
N GLY B 21 5.85 15.40 -1.36
CA GLY B 21 4.75 14.80 -0.59
C GLY B 21 4.10 15.75 0.42
N LEU B 22 4.58 17.00 0.48
CA LEU B 22 4.01 17.97 1.41
C LEU B 22 2.79 18.72 0.86
N GLU B 23 2.50 18.53 -0.43
CA GLU B 23 1.34 19.15 -1.07
CA GLU B 23 1.35 19.16 -1.07
C GLU B 23 0.05 18.82 -0.34
N ASN B 24 -0.65 19.85 0.13
CA ASN B 24 -1.90 19.66 0.87
C ASN B 24 -3.14 19.89 0.01
N ASN B 25 -4.31 19.63 0.60
CA ASN B 25 -5.62 19.71 -0.08
CA ASN B 25 -5.62 19.71 -0.08
C ASN B 25 -5.68 18.90 -1.38
N VAL B 26 -5.11 17.69 -1.33
CA VAL B 26 -5.04 16.80 -2.50
C VAL B 26 -5.60 15.43 -2.13
N GLY B 27 -6.58 14.98 -2.92
CA GLY B 27 -7.18 13.65 -2.75
C GLY B 27 -7.15 12.96 -4.09
N PHE B 28 -7.69 11.74 -4.15
CA PHE B 28 -7.62 10.94 -5.39
C PHE B 28 -8.44 11.50 -6.58
N THR B 29 -9.36 12.43 -6.33
CA THR B 29 -10.12 13.08 -7.41
C THR B 29 -9.52 14.40 -7.90
N SER B 30 -8.62 14.99 -7.10
CA SER B 30 -7.96 16.26 -7.41
CA SER B 30 -8.01 16.28 -7.43
C SER B 30 -7.15 16.21 -8.69
N LYS B 31 -7.18 17.28 -9.47
CA LYS B 31 -6.40 17.30 -10.71
C LYS B 31 -4.89 17.13 -10.47
N GLU B 32 -4.39 17.62 -9.33
CA GLU B 32 -2.97 17.45 -8.98
C GLU B 32 -2.60 15.96 -8.87
N PHE B 33 -3.49 15.18 -8.29
CA PHE B 33 -3.24 13.76 -8.16
C PHE B 33 -3.30 13.07 -9.50
N VAL B 34 -4.39 13.31 -10.24
CA VAL B 34 -4.57 12.68 -11.56
C VAL B 34 -3.34 12.96 -12.44
N GLU B 35 -2.86 14.20 -12.44
CA GLU B 35 -1.69 14.58 -13.24
CA GLU B 35 -1.68 14.58 -13.24
C GLU B 35 -0.43 13.85 -12.77
N ALA B 36 -0.29 13.67 -11.46
CA ALA B 36 0.90 13.00 -10.92
C ALA B 36 0.86 11.52 -11.29
N LEU B 37 -0.32 10.93 -11.20
CA LEU B 37 -0.53 9.54 -11.60
C LEU B 37 -0.23 9.34 -13.08
N ALA B 38 -0.80 10.19 -13.94
CA ALA B 38 -0.54 10.11 -15.39
C ALA B 38 0.95 10.24 -15.72
N TYR B 39 1.60 11.18 -15.06
CA TYR B 39 3.02 11.40 -15.25
C TYR B 39 3.87 10.20 -14.82
N SER B 40 3.52 9.58 -13.69
CA SER B 40 4.22 8.40 -13.23
C SER B 40 4.02 7.22 -14.17
N LEU B 41 2.80 7.06 -14.68
CA LEU B 41 2.49 6.02 -15.64
C LEU B 41 3.40 6.15 -16.88
N LYS B 42 3.58 7.38 -17.38
CA LYS B 42 4.48 7.61 -18.52
C LYS B 42 5.91 7.33 -18.17
N GLY B 43 6.30 7.72 -16.94
CA GLY B 43 7.62 7.48 -16.39
C GLY B 43 7.97 6.03 -16.32
N LEU B 44 6.97 5.19 -15.97
CA LEU B 44 7.15 3.74 -16.00
CA LEU B 44 7.15 3.74 -15.99
C LEU B 44 7.49 3.23 -17.39
N ARG B 45 6.77 3.71 -18.41
CA ARG B 45 7.09 3.32 -19.81
C ARG B 45 8.51 3.72 -20.17
N TYR B 46 8.88 4.93 -19.75
CA TYR B 46 10.20 5.48 -20.01
C TYR B 46 11.35 4.66 -19.41
N VAL B 47 11.29 4.34 -18.11
CA VAL B 47 12.35 3.57 -17.47
C VAL B 47 12.36 2.08 -17.85
N MET B 48 11.22 1.55 -18.25
CA MET B 48 11.16 0.17 -18.73
C MET B 48 11.35 0.02 -20.24
N GLY B 49 11.44 1.14 -20.95
CA GLY B 49 11.65 1.12 -22.39
C GLY B 49 10.52 0.43 -23.13
N ALA B 50 9.37 1.10 -23.21
CA ALA B 50 8.24 0.57 -23.94
C ALA B 50 7.41 1.68 -24.55
N SER B 51 6.81 1.38 -25.70
CA SER B 51 5.89 2.29 -26.36
C SER B 51 4.53 2.28 -25.66
N LYS B 52 3.64 3.16 -26.13
CA LYS B 52 2.27 3.31 -25.61
CA LYS B 52 2.30 3.28 -25.53
C LYS B 52 1.41 2.06 -25.80
N ASN B 53 1.95 1.05 -26.48
CA ASN B 53 1.27 -0.24 -26.62
C ASN B 53 1.25 -1.03 -25.32
N TYR B 54 2.21 -0.72 -24.44
CA TYR B 54 2.34 -1.39 -23.16
C TYR B 54 1.64 -0.58 -22.08
N GLN B 55 0.88 -1.27 -21.23
CA GLN B 55 0.03 -0.62 -20.24
C GLN B 55 0.67 -0.56 -18.86
N PRO B 56 0.97 0.65 -18.36
CA PRO B 56 1.50 0.77 -16.99
C PRO B 56 0.37 0.71 -15.93
N LEU B 57 0.66 0.14 -14.75
CA LEU B 57 -0.26 0.23 -13.61
C LEU B 57 0.54 0.49 -12.34
N ILE B 58 -0.01 1.36 -11.48
CA ILE B 58 0.62 1.64 -10.18
C ILE B 58 -0.40 1.21 -9.12
N ILE B 59 0.02 0.31 -8.22
CA ILE B 59 -0.95 -0.26 -7.26
C ILE B 59 -0.39 -0.08 -5.87
N PRO B 60 -1.25 -0.13 -4.84
CA PRO B 60 -0.68 -0.06 -3.47
C PRO B 60 0.14 -1.29 -3.10
N GLY B 61 1.08 -1.06 -2.17
CA GLY B 61 1.83 -2.10 -1.53
C GLY B 61 3.31 -1.98 -1.85
N GLY B 62 3.76 -2.84 -2.74
CA GLY B 62 5.16 -2.84 -3.11
C GLY B 62 5.45 -3.93 -4.10
N GLY B 63 6.71 -4.29 -4.21
CA GLY B 63 7.12 -5.36 -5.13
C GLY B 63 6.31 -6.65 -4.88
N THR B 64 6.10 -7.02 -3.62
CA THR B 64 5.30 -8.23 -3.32
C THR B 64 3.81 -8.22 -3.81
N SER B 65 3.13 -7.08 -3.69
CA SER B 65 1.76 -7.00 -4.13
C SER B 65 1.75 -6.99 -5.66
N ALA B 66 2.75 -6.35 -6.25
CA ALA B 66 2.87 -6.39 -7.73
C ALA B 66 3.06 -7.84 -8.18
N MET B 67 3.98 -8.56 -7.55
CA MET B 67 4.19 -9.99 -7.88
C MET B 67 2.90 -10.78 -7.77
N GLU B 68 2.19 -10.67 -6.63
CA GLU B 68 0.95 -11.43 -6.44
C GLU B 68 -0.17 -11.06 -7.45
N SER B 69 -0.23 -9.80 -7.82
CA SER B 69 -1.19 -9.32 -8.82
C SER B 69 -1.07 -10.05 -10.18
N VAL B 70 0.05 -10.72 -10.42
CA VAL B 70 0.26 -11.53 -11.67
C VAL B 70 -0.75 -12.71 -11.72
N THR B 71 -1.27 -13.13 -10.56
CA THR B 71 -2.40 -14.09 -10.52
C THR B 71 -3.63 -13.65 -11.35
N SER B 72 -3.70 -12.35 -11.66
CA SER B 72 -4.74 -11.75 -12.51
C SER B 72 -4.70 -12.34 -13.93
N LEU B 73 -3.57 -12.96 -14.28
CA LEU B 73 -3.36 -13.50 -15.63
C LEU B 73 -3.47 -15.03 -15.68
N LEU B 74 -3.90 -15.62 -14.55
CA LEU B 74 -3.87 -17.07 -14.38
C LEU B 74 -5.24 -17.70 -14.18
N LYS B 75 -5.30 -18.97 -14.51
CA LYS B 75 -6.51 -19.78 -14.38
C LYS B 75 -6.21 -21.02 -13.53
N PRO B 76 -7.26 -21.63 -12.96
CA PRO B 76 -6.97 -22.80 -12.13
C PRO B 76 -6.20 -23.88 -12.93
N ASN B 77 -5.23 -24.52 -12.25
CA ASN B 77 -4.42 -25.62 -12.83
CA ASN B 77 -4.40 -25.60 -12.80
C ASN B 77 -3.36 -25.16 -13.85
N ASP B 78 -3.25 -23.85 -14.08
CA ASP B 78 -2.18 -23.31 -14.94
C ASP B 78 -0.79 -23.79 -14.45
N LYS B 79 0.12 -23.98 -15.41
CA LYS B 79 1.47 -24.41 -15.06
C LYS B 79 2.48 -23.27 -15.10
N ILE B 80 3.18 -23.12 -14.00
CA ILE B 80 4.13 -22.04 -13.78
C ILE B 80 5.52 -22.59 -13.56
N LEU B 81 6.49 -22.00 -14.28
CA LEU B 81 7.92 -22.25 -14.03
C LEU B 81 8.57 -21.00 -13.43
N VAL B 82 9.08 -21.15 -12.21
CA VAL B 82 9.85 -20.10 -11.54
C VAL B 82 11.35 -20.38 -11.67
N VAL B 83 12.08 -19.40 -12.21
CA VAL B 83 13.54 -19.47 -12.30
C VAL B 83 14.11 -18.64 -11.14
N SER B 84 14.44 -19.34 -10.04
CA SER B 84 14.83 -18.72 -8.79
C SER B 84 16.33 -18.82 -8.45
N ASN B 85 16.96 -17.65 -8.40
CA ASN B 85 18.37 -17.55 -8.00
C ASN B 85 18.56 -17.28 -6.51
N GLY B 86 17.47 -17.20 -5.76
CA GLY B 86 17.59 -16.97 -4.31
C GLY B 86 16.28 -16.58 -3.67
N VAL B 87 16.34 -15.91 -2.50
CA VAL B 87 15.18 -15.53 -1.68
C VAL B 87 13.97 -14.96 -2.44
N PHE B 88 14.21 -13.99 -3.33
CA PHE B 88 13.09 -13.34 -3.96
C PHE B 88 12.57 -14.10 -5.21
N GLY B 89 13.42 -14.90 -5.85
CA GLY B 89 12.90 -15.94 -6.74
C GLY B 89 11.98 -16.89 -5.99
N ASP B 90 12.41 -17.32 -4.81
CA ASP B 90 11.62 -18.21 -3.99
C ASP B 90 10.29 -17.60 -3.58
N ARG B 91 10.24 -16.27 -3.46
CA ARG B 91 8.98 -15.61 -3.11
C ARG B 91 7.87 -15.86 -4.14
N TRP B 92 8.21 -15.95 -5.43
CA TRP B 92 7.21 -16.33 -6.42
C TRP B 92 6.53 -17.66 -6.01
N GLU B 93 7.32 -18.66 -5.62
CA GLU B 93 6.79 -19.96 -5.15
C GLU B 93 5.92 -19.81 -3.90
N GLN B 94 6.36 -19.00 -2.92
CA GLN B 94 5.57 -18.76 -1.71
CA GLN B 94 5.55 -18.77 -1.71
C GLN B 94 4.20 -18.14 -2.01
N ILE B 95 4.17 -17.15 -2.92
CA ILE B 95 2.94 -16.51 -3.39
C ILE B 95 2.03 -17.56 -4.09
N PHE B 96 2.60 -18.28 -5.05
CA PHE B 96 1.80 -19.20 -5.87
C PHE B 96 1.29 -20.43 -5.10
N LYS B 97 1.93 -20.76 -3.96
CA LYS B 97 1.44 -21.80 -3.06
C LYS B 97 0.06 -21.48 -2.52
N ARG B 98 -0.32 -20.21 -2.53
CA ARG B 98 -1.63 -19.78 -2.03
C ARG B 98 -2.74 -19.95 -3.08
N TYR B 99 -2.37 -20.30 -4.31
CA TYR B 99 -3.31 -20.32 -5.43
C TYR B 99 -3.38 -21.70 -6.06
N PRO B 100 -4.53 -22.03 -6.70
CA PRO B 100 -4.74 -23.34 -7.36
C PRO B 100 -3.95 -23.45 -8.68
N VAL B 101 -2.62 -23.41 -8.57
CA VAL B 101 -1.74 -23.50 -9.71
C VAL B 101 -0.65 -24.54 -9.46
N ASN B 102 -0.02 -25.00 -10.54
CA ASN B 102 1.06 -25.97 -10.45
C ASN B 102 2.39 -25.27 -10.65
N VAL B 103 3.28 -25.42 -9.67
CA VAL B 103 4.56 -24.70 -9.73
C VAL B 103 5.79 -25.62 -9.77
N LYS B 104 6.68 -25.37 -10.72
CA LYS B 104 8.00 -25.99 -10.70
C LYS B 104 9.05 -24.88 -10.60
N VAL B 105 10.07 -25.11 -9.77
CA VAL B 105 11.15 -24.14 -9.57
C VAL B 105 12.50 -24.70 -10.07
N LEU B 106 13.19 -23.94 -10.92
CA LEU B 106 14.59 -24.22 -11.24
C LEU B 106 15.50 -23.37 -10.35
N ARG B 107 16.48 -23.99 -9.70
CA ARG B 107 17.46 -23.26 -8.91
C ARG B 107 18.89 -23.61 -9.35
N PRO B 108 19.84 -22.64 -9.20
CA PRO B 108 21.27 -22.93 -9.46
C PRO B 108 22.01 -23.22 -8.15
N SER B 109 23.32 -23.47 -8.24
CA SER B 109 24.18 -23.59 -7.06
CA SER B 109 24.16 -23.59 -7.05
C SER B 109 24.17 -22.24 -6.32
N PRO B 110 24.44 -22.24 -4.99
CA PRO B 110 24.36 -20.95 -4.31
C PRO B 110 25.17 -19.82 -4.99
N GLY B 111 24.52 -18.67 -5.22
CA GLY B 111 25.22 -17.48 -5.72
C GLY B 111 25.43 -17.49 -7.21
N ASP B 112 24.97 -18.56 -7.86
CA ASP B 112 25.04 -18.68 -9.32
C ASP B 112 23.70 -18.25 -9.93
N TYR B 113 23.52 -18.49 -11.22
CA TYR B 113 22.28 -18.16 -11.91
C TYR B 113 21.91 -19.24 -12.93
N VAL B 114 20.61 -19.36 -13.20
CA VAL B 114 20.12 -20.34 -14.17
C VAL B 114 20.36 -19.85 -15.57
N LYS B 115 21.11 -20.64 -16.36
CA LYS B 115 21.52 -20.25 -17.71
CA LYS B 115 21.52 -20.24 -17.70
C LYS B 115 20.35 -20.29 -18.67
N PRO B 116 20.37 -19.43 -19.72
CA PRO B 116 19.30 -19.46 -20.70
C PRO B 116 19.03 -20.88 -21.26
N GLY B 117 20.09 -21.65 -21.50
CA GLY B 117 19.96 -23.01 -22.05
C GLY B 117 19.25 -23.97 -21.12
N GLU B 118 19.46 -23.79 -19.81
CA GLU B 118 18.82 -24.64 -18.82
CA GLU B 118 18.82 -24.63 -18.79
C GLU B 118 17.31 -24.33 -18.70
N VAL B 119 16.94 -23.06 -18.87
CA VAL B 119 15.50 -22.69 -18.91
C VAL B 119 14.87 -23.21 -20.20
N GLU B 120 15.59 -23.05 -21.32
CA GLU B 120 15.14 -23.56 -22.62
C GLU B 120 14.82 -25.07 -22.58
N GLU B 121 15.71 -25.85 -21.97
CA GLU B 121 15.54 -27.29 -21.83
CA GLU B 121 15.53 -27.29 -21.86
C GLU B 121 14.25 -27.63 -21.09
N GLU B 122 13.97 -26.88 -20.02
CA GLU B 122 12.79 -27.14 -19.19
C GLU B 122 11.51 -26.75 -19.91
N VAL B 123 11.48 -25.59 -20.57
CA VAL B 123 10.25 -25.16 -21.26
C VAL B 123 9.96 -25.97 -22.52
N ARG B 124 10.95 -26.69 -23.03
CA ARG B 124 10.75 -27.59 -24.17
C ARG B 124 10.23 -28.95 -23.73
N LYS B 125 10.66 -29.38 -22.55
CA LYS B 125 10.29 -30.66 -21.96
C LYS B 125 8.85 -30.68 -21.42
N SER B 126 8.46 -29.59 -20.76
CA SER B 126 7.10 -29.40 -20.25
C SER B 126 6.51 -28.09 -20.75
N GLU B 127 5.19 -28.08 -20.93
CA GLU B 127 4.48 -26.91 -21.41
CA GLU B 127 4.47 -26.91 -21.41
C GLU B 127 4.10 -26.03 -20.21
N TYR B 128 4.52 -24.77 -20.27
CA TYR B 128 4.24 -23.83 -19.18
C TYR B 128 3.42 -22.64 -19.64
N LYS B 129 2.44 -22.25 -18.82
CA LYS B 129 1.65 -21.06 -19.13
C LYS B 129 2.46 -19.78 -18.83
N LEU B 130 3.17 -19.82 -17.72
CA LEU B 130 3.90 -18.65 -17.24
CA LEU B 130 3.89 -18.65 -17.20
C LEU B 130 5.30 -18.99 -16.73
N VAL B 131 6.27 -18.17 -17.14
CA VAL B 131 7.64 -18.24 -16.64
C VAL B 131 7.95 -16.96 -15.84
N ALA B 132 8.41 -17.13 -14.60
CA ALA B 132 8.79 -16.02 -13.72
C ALA B 132 10.31 -15.95 -13.57
N LEU B 133 10.85 -14.76 -13.83
CA LEU B 133 12.29 -14.48 -13.71
C LEU B 133 12.52 -13.39 -12.65
N THR B 134 13.72 -13.38 -12.06
CA THR B 134 14.15 -12.26 -11.22
C THR B 134 15.30 -11.55 -11.91
N HIS B 135 15.14 -10.25 -12.21
CA HIS B 135 16.19 -9.51 -12.92
C HIS B 135 17.46 -9.41 -12.06
N VAL B 136 17.31 -8.91 -10.83
CA VAL B 136 18.42 -8.90 -9.88
C VAL B 136 17.91 -9.55 -8.60
N GLU B 137 18.55 -10.64 -8.20
CA GLU B 137 18.29 -11.31 -6.94
C GLU B 137 19.03 -10.60 -5.80
N THR B 138 18.26 -9.85 -5.03
CA THR B 138 18.76 -8.98 -3.96
C THR B 138 19.56 -9.74 -2.90
N SER B 139 19.21 -11.00 -2.66
CA SER B 139 19.92 -11.75 -1.62
C SER B 139 21.39 -12.07 -1.98
N THR B 140 21.71 -12.15 -3.26
CA THR B 140 23.05 -12.58 -3.68
C THR B 140 23.75 -11.56 -4.58
N GLY B 141 23.01 -10.53 -4.99
CA GLY B 141 23.53 -9.54 -5.95
C GLY B 141 23.77 -10.09 -7.34
N VAL B 142 22.99 -11.10 -7.73
CA VAL B 142 23.16 -11.78 -9.01
C VAL B 142 22.11 -11.34 -10.02
N ARG B 143 22.55 -10.90 -11.19
CA ARG B 143 21.66 -10.45 -12.27
C ARG B 143 21.45 -11.59 -13.28
N GLU B 144 20.20 -11.94 -13.54
CA GLU B 144 19.83 -12.93 -14.54
C GLU B 144 19.87 -12.26 -15.91
N PRO B 145 20.43 -12.95 -16.94
CA PRO B 145 20.45 -12.40 -18.30
C PRO B 145 19.11 -12.54 -19.02
N VAL B 146 18.22 -11.61 -18.71
CA VAL B 146 16.83 -11.69 -19.11
C VAL B 146 16.61 -11.76 -20.61
N LYS B 147 17.27 -10.87 -21.35
CA LYS B 147 17.19 -10.84 -22.80
C LYS B 147 17.53 -12.23 -23.37
N ASP B 148 18.67 -12.76 -22.94
CA ASP B 148 19.17 -14.07 -23.44
C ASP B 148 18.22 -15.21 -23.09
N VAL B 149 17.70 -15.22 -21.85
CA VAL B 149 16.70 -16.23 -21.44
C VAL B 149 15.45 -16.15 -22.32
N ILE B 150 14.94 -14.95 -22.52
CA ILE B 150 13.70 -14.78 -23.26
C ILE B 150 13.87 -15.12 -24.75
N ASN B 151 15.01 -14.74 -25.33
CA ASN B 151 15.32 -15.11 -26.70
C ASN B 151 15.16 -16.62 -26.93
N LYS B 152 15.60 -17.42 -25.95
CA LYS B 152 15.50 -18.85 -26.05
CA LYS B 152 15.51 -18.87 -26.03
C LYS B 152 14.08 -19.38 -25.81
N ILE B 153 13.37 -18.79 -24.85
CA ILE B 153 12.09 -19.40 -24.40
C ILE B 153 10.81 -18.81 -24.97
N ARG B 154 10.90 -17.62 -25.59
CA ARG B 154 9.70 -16.88 -25.99
C ARG B 154 8.67 -17.73 -26.72
N LYS B 155 9.13 -18.58 -27.64
CA LYS B 155 8.21 -19.34 -28.51
CA LYS B 155 8.20 -19.33 -28.49
C LYS B 155 7.57 -20.56 -27.80
N TYR B 156 8.09 -20.93 -26.63
CA TYR B 156 7.59 -22.12 -25.90
C TYR B 156 6.58 -21.85 -24.79
N VAL B 157 6.40 -20.58 -24.43
CA VAL B 157 5.60 -20.21 -23.25
C VAL B 157 4.63 -19.10 -23.52
N GLU B 158 3.47 -19.14 -22.85
CA GLU B 158 2.45 -18.13 -23.12
C GLU B 158 2.81 -16.75 -22.53
N LEU B 159 3.32 -16.76 -21.30
CA LEU B 159 3.55 -15.51 -20.56
C LEU B 159 4.91 -15.49 -19.87
N ILE B 160 5.58 -14.34 -19.89
CA ILE B 160 6.86 -14.18 -19.19
C ILE B 160 6.78 -12.94 -18.30
N VAL B 161 7.07 -13.14 -17.00
CA VAL B 161 7.06 -12.06 -16.02
CA VAL B 161 7.06 -12.07 -16.01
C VAL B 161 8.46 -11.91 -15.43
N VAL B 162 8.85 -10.66 -15.20
CA VAL B 162 10.17 -10.37 -14.63
C VAL B 162 10.01 -9.48 -13.41
N ASP B 163 10.51 -9.95 -12.27
CA ASP B 163 10.62 -9.16 -11.07
C ASP B 163 11.86 -8.26 -11.21
N GLY B 164 11.62 -6.98 -11.50
CA GLY B 164 12.66 -5.94 -11.56
C GLY B 164 12.68 -4.99 -10.37
N VAL B 165 12.28 -5.47 -9.20
CA VAL B 165 12.25 -4.63 -8.01
C VAL B 165 13.64 -4.00 -7.71
N SER B 166 14.72 -4.79 -7.83
CA SER B 166 16.09 -4.27 -7.66
CA SER B 166 16.08 -4.24 -7.65
C SER B 166 16.85 -4.04 -8.97
N SER B 167 16.13 -3.88 -10.07
CA SER B 167 16.82 -3.54 -11.33
C SER B 167 16.31 -2.29 -12.05
N VAL B 168 14.99 -2.05 -12.05
CA VAL B 168 14.40 -0.96 -12.82
C VAL B 168 14.91 0.39 -12.29
N GLY B 169 15.40 1.22 -13.22
CA GLY B 169 15.98 2.51 -12.91
C GLY B 169 17.47 2.46 -12.67
N ALA B 170 18.06 1.26 -12.79
CA ALA B 170 19.50 1.11 -12.58
C ALA B 170 20.18 0.22 -13.62
N GLU B 171 19.53 -0.90 -13.96
CA GLU B 171 20.01 -1.81 -15.00
C GLU B 171 19.25 -1.50 -16.26
N GLU B 172 19.85 -1.81 -17.41
CA GLU B 172 19.12 -1.72 -18.66
C GLU B 172 17.88 -2.60 -18.58
N VAL B 173 16.73 -2.01 -18.91
CA VAL B 173 15.49 -2.77 -19.03
C VAL B 173 14.85 -2.38 -20.35
N LYS B 174 14.51 -3.38 -21.17
CA LYS B 174 13.87 -3.16 -22.46
C LYS B 174 12.65 -4.06 -22.57
N ALA B 175 11.58 -3.69 -21.88
CA ALA B 175 10.44 -4.59 -21.72
C ALA B 175 9.80 -4.97 -23.05
N GLU B 176 9.60 -3.99 -23.94
CA GLU B 176 8.97 -4.26 -25.24
C GLU B 176 9.90 -5.04 -26.20
N GLU B 177 11.13 -4.56 -26.33
CA GLU B 177 12.09 -5.17 -27.23
C GLU B 177 12.39 -6.62 -26.85
N TRP B 178 12.49 -6.89 -25.55
CA TRP B 178 12.72 -8.25 -25.07
C TRP B 178 11.44 -9.09 -25.02
N ASN B 179 10.30 -8.46 -25.29
CA ASN B 179 8.99 -9.12 -25.33
CA ASN B 179 8.99 -9.14 -25.33
C ASN B 179 8.62 -9.76 -23.99
N VAL B 180 8.61 -8.92 -22.93
CA VAL B 180 8.21 -9.35 -21.58
C VAL B 180 6.72 -9.05 -21.49
N ASP B 181 5.97 -9.91 -20.81
CA ASP B 181 4.54 -9.67 -20.64
C ASP B 181 4.17 -8.87 -19.41
N VAL B 182 4.92 -9.08 -18.31
CA VAL B 182 4.82 -8.25 -17.09
C VAL B 182 6.21 -7.94 -16.61
N TYR B 183 6.56 -6.67 -16.51
CA TYR B 183 7.82 -6.25 -15.91
C TYR B 183 7.37 -5.44 -14.70
N LEU B 184 7.88 -5.77 -13.50
CA LEU B 184 7.38 -5.09 -12.33
C LEU B 184 8.51 -4.58 -11.44
N THR B 185 8.20 -3.56 -10.64
CA THR B 185 9.15 -3.03 -9.70
C THR B 185 8.39 -2.40 -8.50
N ALA B 186 9.12 -1.71 -7.62
CA ALA B 186 8.55 -1.05 -6.46
C ALA B 186 9.02 0.41 -6.45
N SER B 187 8.39 1.25 -5.62
CA SER B 187 8.76 2.66 -5.58
C SER B 187 10.10 2.96 -4.87
N GLN B 188 10.50 2.11 -3.93
CA GLN B 188 11.52 2.47 -2.96
C GLN B 188 12.93 1.96 -3.23
N LYS B 189 13.16 1.31 -4.38
CA LYS B 189 14.51 0.75 -4.59
C LYS B 189 15.33 1.64 -5.57
N ALA B 190 15.61 1.18 -6.79
CA ALA B 190 16.46 1.99 -7.69
C ALA B 190 15.78 3.26 -8.20
N LEU B 191 14.44 3.32 -8.10
CA LEU B 191 13.70 4.52 -8.43
C LEU B 191 13.91 5.58 -7.34
N GLY B 192 14.29 5.13 -6.13
CA GLY B 192 14.67 6.05 -5.03
C GLY B 192 13.54 6.94 -4.53
N SER B 193 12.31 6.42 -4.51
CA SER B 193 11.18 7.19 -3.98
C SER B 193 10.67 6.58 -2.66
N ALA B 194 9.60 7.15 -2.10
CA ALA B 194 9.09 6.61 -0.83
C ALA B 194 8.35 5.26 -1.03
N ALA B 195 8.39 4.39 -0.03
CA ALA B 195 7.76 3.05 -0.09
C ALA B 195 6.23 3.11 -0.05
N GLY B 196 5.57 2.10 -0.65
CA GLY B 196 4.11 2.00 -0.66
C GLY B 196 3.42 1.71 -1.98
N LEU B 197 4.21 1.57 -3.06
CA LEU B 197 3.66 1.32 -4.39
C LEU B 197 4.35 0.16 -5.12
N GLY B 198 3.56 -0.71 -5.73
CA GLY B 198 4.05 -1.70 -6.67
C GLY B 198 3.80 -1.11 -8.06
N LEU B 199 4.66 -1.41 -9.05
CA LEU B 199 4.54 -0.84 -10.38
CA LEU B 199 4.54 -0.84 -10.39
C LEU B 199 4.64 -1.95 -11.43
N LEU B 200 3.75 -1.94 -12.42
CA LEU B 200 3.72 -3.00 -13.41
C LEU B 200 3.60 -2.42 -14.80
N LEU B 201 4.20 -3.11 -15.77
CA LEU B 201 4.07 -2.77 -17.19
C LEU B 201 3.66 -4.03 -17.93
N LEU B 202 2.55 -3.97 -18.65
CA LEU B 202 1.93 -5.14 -19.23
C LEU B 202 1.95 -5.06 -20.76
N SER B 203 2.26 -6.20 -21.37
CA SER B 203 2.24 -6.32 -22.83
C SER B 203 0.79 -6.35 -23.34
N PRO B 204 0.60 -6.09 -24.65
CA PRO B 204 -0.73 -6.30 -25.23
C PRO B 204 -1.32 -7.69 -24.94
N LYS B 205 -0.51 -8.74 -24.99
CA LYS B 205 -1.01 -10.08 -24.73
CA LYS B 205 -0.99 -10.09 -24.72
C LYS B 205 -1.55 -10.19 -23.29
N ALA B 206 -0.77 -9.67 -22.33
CA ALA B 206 -1.24 -9.61 -20.94
C ALA B 206 -2.53 -8.78 -20.83
N LEU B 207 -2.57 -7.63 -21.49
CA LEU B 207 -3.75 -6.79 -21.43
CA LEU B 207 -3.75 -6.78 -21.48
C LEU B 207 -5.01 -7.48 -21.97
N SER B 208 -4.86 -8.27 -23.04
CA SER B 208 -5.98 -9.00 -23.64
CA SER B 208 -5.99 -8.98 -23.62
C SER B 208 -6.55 -10.02 -22.65
N ILE B 209 -5.68 -10.62 -21.85
CA ILE B 209 -6.15 -11.57 -20.81
C ILE B 209 -7.03 -10.86 -19.75
N LEU B 210 -6.57 -9.72 -19.28
CA LEU B 210 -7.37 -8.90 -18.35
C LEU B 210 -8.72 -8.54 -18.94
N ASP B 211 -8.72 -8.13 -20.20
CA ASP B 211 -9.93 -7.60 -20.83
C ASP B 211 -10.93 -8.69 -21.27
N SER B 212 -10.46 -9.92 -21.46
CA SER B 212 -11.32 -10.98 -22.02
C SER B 212 -11.52 -12.23 -21.18
N GLN B 213 -10.75 -12.42 -20.12
CA GLN B 213 -10.83 -13.65 -19.33
CA GLN B 213 -10.84 -13.65 -19.34
C GLN B 213 -11.06 -13.38 -17.85
N ASN B 214 -11.63 -14.37 -17.16
CA ASN B 214 -11.68 -14.41 -15.70
CA ASN B 214 -11.67 -14.37 -15.70
C ASN B 214 -10.32 -14.82 -15.13
N SER B 215 -10.17 -14.84 -13.81
CA SER B 215 -8.88 -15.25 -13.28
C SER B 215 -9.01 -15.76 -11.87
N ILE B 216 -7.90 -16.23 -11.34
CA ILE B 216 -7.87 -16.71 -9.96
C ILE B 216 -7.52 -15.60 -8.95
N ALA B 217 -7.41 -14.36 -9.40
CA ALA B 217 -7.05 -13.25 -8.47
C ALA B 217 -8.10 -13.06 -7.36
N GLY B 218 -7.67 -12.50 -6.25
CA GLY B 218 -8.58 -11.94 -5.27
C GLY B 218 -9.22 -10.66 -5.76
N TYR B 219 -9.52 -9.79 -4.82
CA TYR B 219 -10.20 -8.54 -5.15
C TYR B 219 -9.22 -7.37 -5.24
N TYR B 220 -8.56 -7.03 -4.13
CA TYR B 220 -7.63 -5.89 -4.11
C TYR B 220 -6.51 -5.96 -5.16
N LEU B 221 -6.04 -7.19 -5.43
CA LEU B 221 -4.91 -7.39 -6.32
C LEU B 221 -5.29 -7.88 -7.69
N ASP B 222 -6.57 -7.86 -8.02
CA ASP B 222 -6.97 -8.14 -9.39
C ASP B 222 -6.72 -6.87 -10.19
N LEU B 223 -5.77 -6.96 -11.14
CA LEU B 223 -5.38 -5.85 -11.97
C LEU B 223 -6.55 -5.28 -12.81
N ARG B 224 -7.58 -6.09 -13.03
CA ARG B 224 -8.84 -5.60 -13.66
C ARG B 224 -9.49 -4.47 -12.88
N ASN B 225 -9.39 -4.49 -11.54
CA ASN B 225 -9.98 -3.44 -10.75
C ASN B 225 -9.22 -2.11 -10.80
N TRP B 226 -7.92 -2.16 -11.08
CA TRP B 226 -7.09 -0.95 -11.10
C TRP B 226 -7.02 -0.34 -12.51
N LEU B 227 -7.25 -1.17 -13.51
CA LEU B 227 -7.14 -0.73 -14.94
C LEU B 227 -7.95 0.54 -15.28
N PRO B 228 -9.24 0.60 -14.84
CA PRO B 228 -10.03 1.80 -15.12
C PRO B 228 -9.42 3.05 -14.49
N VAL B 229 -8.81 2.92 -13.33
CA VAL B 229 -8.14 4.06 -12.68
C VAL B 229 -6.93 4.54 -13.50
N MET B 230 -6.17 3.60 -14.06
CA MET B 230 -4.95 3.93 -14.83
C MET B 230 -5.25 4.51 -16.21
N ARG B 231 -6.15 3.85 -16.94
CA ARG B 231 -6.68 4.38 -18.21
C ARG B 231 -7.31 5.75 -17.99
N GLY B 232 -8.15 5.86 -16.97
CA GLY B 232 -8.72 7.15 -16.56
C GLY B 232 -7.67 8.25 -16.45
N ALA B 233 -6.68 8.03 -15.59
CA ALA B 233 -5.62 9.02 -15.34
C ALA B 233 -4.98 9.55 -16.63
N GLU B 234 -4.73 8.68 -17.58
CA GLU B 234 -4.06 9.08 -18.82
C GLU B 234 -5.00 9.86 -19.75
N GLU B 235 -6.28 9.86 -19.44
CA GLU B 235 -7.27 10.66 -20.18
C GLU B 235 -7.63 11.91 -19.36
N GLY B 236 -6.86 12.15 -18.30
CA GLY B 236 -7.10 13.26 -17.38
C GLY B 236 -8.36 13.15 -16.54
N LYS B 237 -8.82 11.91 -16.31
CA LYS B 237 -10.08 11.66 -15.60
CA LYS B 237 -10.09 11.64 -15.62
C LYS B 237 -9.87 10.96 -14.26
N ALA B 238 -10.61 11.40 -13.24
CA ALA B 238 -10.57 10.74 -11.93
C ALA B 238 -11.47 9.50 -11.97
N ALA B 239 -11.05 8.46 -11.27
CA ALA B 239 -11.83 7.24 -11.11
C ALA B 239 -11.55 6.67 -9.73
N TYR B 240 -12.42 5.80 -9.24
CA TYR B 240 -12.24 5.23 -7.90
C TYR B 240 -12.40 3.72 -7.92
N PHE B 241 -11.35 3.00 -7.51
CA PHE B 241 -11.53 1.62 -7.17
C PHE B 241 -11.35 1.52 -5.66
N ALA B 242 -10.14 1.85 -5.23
CA ALA B 242 -9.85 1.89 -3.80
C ALA B 242 -8.86 3.03 -3.60
N THR B 243 -8.81 3.59 -2.40
CA THR B 243 -7.97 4.76 -2.20
C THR B 243 -6.49 4.37 -2.36
N PRO B 244 -5.79 5.01 -3.33
CA PRO B 244 -4.34 4.78 -3.49
C PRO B 244 -3.49 5.63 -2.54
N PRO B 245 -2.17 5.34 -2.43
CA PRO B 245 -1.35 6.17 -1.53
C PRO B 245 -1.04 7.51 -2.22
N VAL B 246 -1.96 8.46 -2.08
CA VAL B 246 -1.97 9.72 -2.83
C VAL B 246 -0.63 10.47 -2.77
N HIS B 247 -0.14 10.73 -1.56
CA HIS B 247 1.10 11.49 -1.39
C HIS B 247 2.36 10.70 -1.78
N VAL B 248 2.30 9.38 -1.66
CA VAL B 248 3.40 8.52 -2.11
C VAL B 248 3.51 8.62 -3.66
N ILE B 249 2.38 8.72 -4.32
CA ILE B 249 2.33 8.86 -5.78
C ILE B 249 2.83 10.24 -6.25
N LEU B 250 2.54 11.29 -5.46
CA LEU B 250 3.12 12.62 -5.71
C LEU B 250 4.64 12.57 -5.65
N GLN B 251 5.16 11.91 -4.62
CA GLN B 251 6.60 11.73 -4.47
C GLN B 251 7.17 10.95 -5.67
N LEU B 252 6.48 9.87 -6.08
CA LEU B 252 6.89 9.07 -7.24
C LEU B 252 6.98 9.93 -8.54
N ALA B 253 6.03 10.83 -8.76
CA ALA B 253 6.06 11.65 -10.01
C ALA B 253 7.29 12.58 -10.04
N GLU B 254 7.66 13.08 -8.87
CA GLU B 254 8.86 13.87 -8.70
C GLU B 254 10.12 13.04 -8.90
N ALA B 255 10.15 11.81 -8.37
CA ALA B 255 11.28 10.91 -8.68
C ALA B 255 11.41 10.74 -10.19
N PHE B 256 10.29 10.47 -10.86
CA PHE B 256 10.35 10.28 -12.31
C PHE B 256 10.81 11.55 -13.05
N ARG B 257 10.45 12.73 -12.55
CA ARG B 257 10.89 14.00 -13.16
C ARG B 257 12.42 14.09 -13.08
N LEU B 258 12.98 13.80 -11.91
CA LEU B 258 14.43 13.77 -11.72
C LEU B 258 15.15 12.73 -12.59
N ILE B 259 14.54 11.56 -12.76
CA ILE B 259 15.11 10.48 -13.59
C ILE B 259 15.14 10.91 -15.07
N GLU B 260 14.04 11.50 -15.55
CA GLU B 260 14.00 11.97 -16.93
CA GLU B 260 13.97 11.99 -16.93
C GLU B 260 15.00 13.11 -17.14
N LYS B 261 15.13 13.99 -16.16
CA LYS B 261 16.14 15.07 -16.19
C LYS B 261 17.57 14.54 -16.33
N GLU B 262 17.95 13.55 -15.52
CA GLU B 262 19.26 12.90 -15.66
C GLU B 262 19.38 12.15 -16.98
N GLY B 263 18.28 11.53 -17.41
CA GLY B 263 18.27 10.66 -18.58
C GLY B 263 18.54 9.23 -18.14
N ILE B 264 17.71 8.30 -18.62
CA ILE B 264 17.78 6.91 -18.16
C ILE B 264 19.09 6.23 -18.58
N GLU B 265 19.56 6.49 -19.81
CA GLU B 265 20.86 5.96 -20.24
C GLU B 265 22.01 6.41 -19.34
N ASN B 266 22.02 7.70 -18.98
CA ASN B 266 23.03 8.24 -18.09
C ASN B 266 22.92 7.61 -16.70
N ARG B 267 21.68 7.38 -16.25
CA ARG B 267 21.44 6.78 -14.94
CA ARG B 267 21.45 6.78 -14.94
C ARG B 267 21.99 5.35 -14.90
N ILE B 268 21.74 4.60 -15.96
CA ILE B 268 22.25 3.24 -16.08
CA ILE B 268 22.25 3.23 -16.09
C ILE B 268 23.80 3.26 -16.05
N LYS B 269 24.39 4.12 -16.87
CA LYS B 269 25.85 4.28 -16.93
CA LYS B 269 25.85 4.31 -16.94
C LYS B 269 26.44 4.62 -15.57
N ARG B 270 25.78 5.52 -14.84
CA ARG B 270 26.20 5.86 -13.45
C ARG B 270 26.20 4.65 -12.54
N HIS B 271 25.12 3.85 -12.54
CA HIS B 271 25.08 2.61 -11.77
C HIS B 271 26.20 1.65 -12.17
N THR B 272 26.43 1.50 -13.48
CA THR B 272 27.50 0.62 -13.95
C THR B 272 28.85 1.08 -13.43
N MET B 273 29.12 2.38 -13.52
CA MET B 273 30.40 2.97 -13.08
CA MET B 273 30.41 2.92 -13.09
C MET B 273 30.59 2.81 -11.58
N VAL B 274 29.58 3.22 -10.81
CA VAL B 274 29.65 3.13 -9.35
C VAL B 274 29.84 1.68 -8.90
N ALA B 275 29.04 0.77 -9.44
CA ALA B 275 29.16 -0.65 -9.06
C ALA B 275 30.52 -1.28 -9.42
N SER B 276 30.98 -1.03 -10.63
CA SER B 276 32.31 -1.52 -11.07
CA SER B 276 32.30 -1.54 -11.04
C SER B 276 33.40 -0.97 -10.16
N ALA B 277 33.25 0.31 -9.77
CA ALA B 277 34.22 0.95 -8.87
C ALA B 277 34.26 0.29 -7.52
N ILE B 278 33.08 0.02 -6.93
CA ILE B 278 33.02 -0.64 -5.63
C ILE B 278 33.61 -2.03 -5.71
N ARG B 279 33.26 -2.77 -6.77
CA ARG B 279 33.79 -4.12 -6.94
C ARG B 279 35.32 -4.14 -7.07
N ALA B 280 35.85 -3.21 -7.86
CA ALA B 280 37.30 -3.01 -8.01
C ALA B 280 37.95 -2.80 -6.65
N GLY B 281 37.32 -1.98 -5.81
CA GLY B 281 37.81 -1.73 -4.47
C GLY B 281 37.77 -2.95 -3.58
N LEU B 282 36.73 -3.78 -3.72
CA LEU B 282 36.61 -5.01 -2.93
C LEU B 282 37.67 -6.03 -3.30
N GLU B 283 37.88 -6.16 -4.61
CA GLU B 283 38.89 -7.06 -5.16
CA GLU B 283 38.88 -7.06 -5.16
C GLU B 283 40.28 -6.64 -4.68
N ALA B 284 40.61 -5.37 -4.85
CA ALA B 284 41.89 -4.83 -4.39
C ALA B 284 42.11 -5.02 -2.88
N LEU B 285 41.02 -5.12 -2.11
CA LEU B 285 41.13 -5.44 -0.67
C LEU B 285 41.36 -6.94 -0.45
N GLY B 286 41.24 -7.71 -1.54
CA GLY B 286 41.31 -9.17 -1.46
C GLY B 286 40.05 -9.80 -0.88
N LEU B 287 38.91 -9.11 -1.04
CA LEU B 287 37.61 -9.65 -0.63
C LEU B 287 36.90 -10.37 -1.79
N GLU B 288 36.21 -11.44 -1.45
CA GLU B 288 35.47 -12.26 -2.42
C GLU B 288 34.00 -11.82 -2.50
N ILE B 289 33.50 -11.72 -3.73
CA ILE B 289 32.11 -11.36 -4.00
CA ILE B 289 32.11 -11.37 -4.04
C ILE B 289 31.22 -12.62 -3.96
N VAL B 290 29.99 -12.47 -3.45
CA VAL B 290 29.05 -13.62 -3.36
C VAL B 290 28.68 -14.17 -4.75
N ALA B 291 28.28 -13.30 -5.66
CA ALA B 291 27.96 -13.69 -7.03
C ALA B 291 29.10 -14.52 -7.63
N ARG B 292 28.78 -15.73 -8.08
CA ARG B 292 29.77 -16.67 -8.59
C ARG B 292 30.29 -16.31 -9.96
N ARG B 293 29.43 -15.74 -10.80
CA ARG B 293 29.74 -15.51 -12.20
CA ARG B 293 29.73 -15.50 -12.22
C ARG B 293 29.79 -14.01 -12.54
N PRO B 294 30.98 -13.49 -12.92
CA PRO B 294 31.20 -12.05 -13.12
C PRO B 294 30.27 -11.36 -14.10
N GLU B 295 29.84 -12.07 -15.14
CA GLU B 295 28.89 -11.52 -16.10
CA GLU B 295 28.89 -11.49 -16.10
C GLU B 295 27.53 -11.19 -15.45
N SER B 296 27.28 -11.76 -14.27
CA SER B 296 26.01 -11.52 -13.56
C SER B 296 26.14 -10.57 -12.34
N TYR B 297 27.31 -9.94 -12.15
CA TYR B 297 27.50 -8.95 -11.08
C TYR B 297 26.48 -7.80 -11.24
N SER B 298 25.50 -7.74 -10.35
CA SER B 298 24.47 -6.69 -10.47
C SER B 298 25.06 -5.34 -10.15
N ASN B 299 24.49 -4.32 -10.77
CA ASN B 299 24.88 -2.95 -10.54
C ASN B 299 24.10 -2.24 -9.40
N THR B 300 23.34 -3.03 -8.63
CA THR B 300 22.57 -2.46 -7.50
C THR B 300 22.93 -3.05 -6.17
N VAL B 301 23.38 -4.31 -6.15
CA VAL B 301 23.70 -5.03 -4.92
C VAL B 301 24.97 -5.88 -5.11
N THR B 302 25.88 -5.82 -4.13
CA THR B 302 27.06 -6.67 -4.12
C THR B 302 27.15 -7.35 -2.76
N GLY B 303 27.30 -8.66 -2.75
CA GLY B 303 27.49 -9.43 -1.50
C GLY B 303 28.97 -9.57 -1.22
N VAL B 304 29.36 -9.40 0.04
CA VAL B 304 30.77 -9.31 0.41
C VAL B 304 31.05 -10.42 1.41
N ILE B 305 31.78 -11.45 0.98
CA ILE B 305 32.08 -12.59 1.83
C ILE B 305 33.14 -12.22 2.88
N LEU B 306 32.85 -12.59 4.13
CA LEU B 306 33.77 -12.42 5.26
C LEU B 306 34.33 -13.77 5.72
N LYS B 307 35.65 -13.90 5.67
CA LYS B 307 36.35 -15.14 6.02
C LYS B 307 36.59 -15.30 7.53
N VAL B 308 36.71 -14.18 8.24
CA VAL B 308 36.99 -14.21 9.67
C VAL B 308 35.96 -13.44 10.50
N ALA B 309 35.78 -12.15 10.17
CA ALA B 309 34.92 -11.25 10.95
C ALA B 309 33.45 -11.64 10.92
N ASP B 310 32.73 -11.31 12.00
CA ASP B 310 31.28 -11.54 12.11
C ASP B 310 30.51 -10.42 11.41
N PRO B 311 29.61 -10.76 10.47
CA PRO B 311 28.90 -9.74 9.69
C PRO B 311 28.07 -8.75 10.52
N GLN B 312 27.49 -9.21 11.63
CA GLN B 312 26.75 -8.32 12.54
C GLN B 312 27.67 -7.24 13.10
N LYS B 313 28.83 -7.66 13.60
CA LYS B 313 29.84 -6.72 14.12
CA LYS B 313 29.83 -6.72 14.12
C LYS B 313 30.22 -5.72 13.04
N VAL B 314 30.39 -6.21 11.81
CA VAL B 314 30.69 -5.35 10.68
C VAL B 314 29.58 -4.33 10.45
N LEU B 315 28.33 -4.77 10.51
CA LEU B 315 27.17 -3.87 10.34
C LEU B 315 27.08 -2.80 11.42
N ALA B 316 27.31 -3.21 12.67
CA ALA B 316 27.26 -2.30 13.81
C ALA B 316 28.41 -1.29 13.75
N GLY B 317 29.59 -1.77 13.37
CA GLY B 317 30.81 -0.96 13.28
C GLY B 317 30.84 0.04 12.14
N THR B 318 30.17 -0.26 11.03
CA THR B 318 30.14 0.64 9.88
C THR B 318 29.20 1.82 10.08
N VAL B 319 28.08 1.59 10.77
CA VAL B 319 27.12 2.66 11.06
C VAL B 319 27.72 3.74 11.96
N ASN B 320 28.53 3.34 12.96
CA ASN B 320 29.23 4.31 13.80
C ASN B 320 30.51 4.83 13.15
N GLU B 321 30.64 4.59 11.86
CA GLU B 321 31.77 5.07 11.06
C GLU B 321 31.28 5.86 9.84
N GLY B 322 29.97 5.82 9.58
CA GLY B 322 29.35 6.71 8.58
C GLY B 322 28.42 6.14 7.52
N VAL B 323 28.40 4.81 7.37
CA VAL B 323 27.57 4.12 6.35
C VAL B 323 26.79 2.95 6.97
N GLU B 324 25.53 2.80 6.56
CA GLU B 324 24.73 1.61 6.90
C GLU B 324 24.62 0.67 5.69
N PHE B 325 25.02 -0.58 5.86
CA PHE B 325 24.90 -1.62 4.83
C PHE B 325 23.72 -2.54 5.18
N ALA B 326 23.59 -3.68 4.51
CA ALA B 326 22.54 -4.66 4.84
C ALA B 326 23.13 -6.03 5.21
N PRO B 327 22.41 -6.79 6.06
CA PRO B 327 22.93 -8.11 6.44
C PRO B 327 22.82 -9.12 5.30
N GLY B 328 23.59 -10.20 5.38
CA GLY B 328 23.52 -11.30 4.43
C GLY B 328 22.43 -12.29 4.84
N VAL B 329 21.70 -12.82 3.86
CA VAL B 329 20.56 -13.69 4.14
C VAL B 329 20.54 -14.92 3.23
N HIS B 330 21.60 -15.71 3.31
CA HIS B 330 21.70 -16.91 2.49
C HIS B 330 22.52 -17.91 3.29
N PRO B 331 21.94 -19.09 3.59
CA PRO B 331 22.57 -20.05 4.49
C PRO B 331 23.96 -20.50 4.01
N ALA B 332 24.21 -20.39 2.71
CA ALA B 332 25.44 -20.91 2.11
C ALA B 332 26.64 -19.98 2.21
N PHE B 333 26.40 -18.72 2.59
CA PHE B 333 27.46 -17.73 2.67
C PHE B 333 27.49 -17.01 4.01
N LYS B 334 28.69 -16.60 4.41
CA LYS B 334 28.87 -15.67 5.52
CA LYS B 334 28.86 -15.66 5.51
C LYS B 334 29.26 -14.33 4.89
N TYR B 335 28.36 -13.34 4.95
CA TYR B 335 28.54 -12.10 4.20
C TYR B 335 27.68 -10.93 4.68
N PHE B 336 27.98 -9.75 4.17
CA PHE B 336 27.08 -8.59 4.28
C PHE B 336 26.85 -8.06 2.86
N ARG B 337 25.85 -7.20 2.70
CA ARG B 337 25.56 -6.67 1.39
C ARG B 337 25.71 -5.17 1.30
N ILE B 338 26.19 -4.71 0.14
CA ILE B 338 26.24 -3.29 -0.16
C ILE B 338 25.15 -2.99 -1.17
N GLY B 339 24.25 -2.08 -0.81
CA GLY B 339 23.27 -1.58 -1.75
C GLY B 339 23.80 -0.31 -2.37
N HIS B 340 23.87 -0.27 -3.70
CA HIS B 340 24.37 0.87 -4.43
C HIS B 340 23.42 1.16 -5.56
N MET B 341 22.35 1.89 -5.24
CA MET B 341 21.27 2.10 -6.20
C MET B 341 20.47 3.39 -5.91
N GLY B 342 19.82 3.91 -6.95
CA GLY B 342 19.02 5.11 -6.80
C GLY B 342 19.86 6.32 -7.17
N TRP B 343 20.21 7.10 -6.15
CA TRP B 343 20.90 8.37 -6.31
CA TRP B 343 20.96 8.34 -6.39
C TRP B 343 22.40 8.25 -5.95
N VAL B 344 22.90 7.02 -5.87
CA VAL B 344 24.28 6.73 -5.47
C VAL B 344 25.31 7.42 -6.39
N THR B 345 26.37 7.96 -5.81
CA THR B 345 27.36 8.76 -6.54
C THR B 345 28.75 8.12 -6.49
N PRO B 346 29.64 8.53 -7.41
CA PRO B 346 31.06 8.14 -7.30
C PRO B 346 31.61 8.34 -5.90
N ASN B 347 31.30 9.48 -5.26
CA ASN B 347 31.80 9.76 -3.90
C ASN B 347 31.29 8.77 -2.86
N ASP B 348 30.05 8.32 -2.98
CA ASP B 348 29.53 7.27 -2.11
C ASP B 348 30.37 5.98 -2.21
N ALA B 349 30.81 5.66 -3.43
CA ALA B 349 31.70 4.50 -3.66
C ALA B 349 33.02 4.64 -2.88
N ILE B 350 33.66 5.82 -2.96
CA ILE B 350 34.87 6.09 -2.18
CA ILE B 350 34.87 6.11 -2.17
C ILE B 350 34.62 5.87 -0.69
N ILE B 351 33.55 6.47 -0.16
CA ILE B 351 33.21 6.36 1.27
CA ILE B 351 33.23 6.35 1.27
C ILE B 351 32.94 4.90 1.67
N ALA B 352 32.16 4.18 0.87
CA ALA B 352 31.85 2.79 1.18
C ALA B 352 33.10 1.92 1.41
N ILE B 353 34.03 1.98 0.46
CA ILE B 353 35.26 1.20 0.54
C ILE B 353 36.15 1.68 1.70
N SER B 354 36.24 3.00 1.88
CA SER B 354 36.97 3.57 3.02
CA SER B 354 36.98 3.55 3.02
C SER B 354 36.43 2.99 4.33
N VAL B 355 35.11 3.03 4.49
CA VAL B 355 34.44 2.53 5.70
C VAL B 355 34.64 1.03 5.84
N ILE B 356 34.56 0.31 4.72
CA ILE B 356 34.77 -1.13 4.79
C ILE B 356 36.20 -1.45 5.26
N GLU B 357 37.17 -0.73 4.70
CA GLU B 357 38.57 -0.95 5.08
C GLU B 357 38.79 -0.76 6.58
N ARG B 358 38.38 0.37 7.13
CA ARG B 358 38.66 0.65 8.54
C ARG B 358 37.81 -0.17 9.52
N THR B 359 36.66 -0.65 9.07
CA THR B 359 35.84 -1.52 9.90
C THR B 359 36.46 -2.93 9.96
N LEU B 360 36.89 -3.44 8.82
CA LEU B 360 37.48 -4.80 8.76
C LEU B 360 38.84 -4.87 9.46
N ARG B 361 39.59 -3.77 9.41
CA ARG B 361 40.87 -3.62 10.12
CA ARG B 361 40.88 -3.75 10.11
C ARG B 361 40.69 -3.86 11.62
N LYS B 362 39.70 -3.17 12.20
CA LYS B 362 39.45 -3.25 13.65
CA LYS B 362 39.47 -3.25 13.64
C LYS B 362 38.87 -4.60 14.07
N LEU B 363 38.41 -5.39 13.08
CA LEU B 363 37.77 -6.68 13.39
C LEU B 363 38.57 -7.91 12.96
N GLY B 364 39.75 -7.69 12.37
CA GLY B 364 40.68 -8.77 12.06
C GLY B 364 40.35 -9.60 10.82
N GLU B 365 39.65 -9.00 9.86
CA GLU B 365 39.43 -9.65 8.57
C GLU B 365 40.68 -9.46 7.70
N PRO B 366 41.23 -10.57 7.17
CA PRO B 366 42.40 -10.49 6.30
C PRO B 366 42.14 -9.67 5.04
N ILE B 367 42.69 -8.47 5.00
CA ILE B 367 42.58 -7.59 3.83
C ILE B 367 43.90 -6.94 3.47
N ARG B 368 43.98 -6.40 2.26
CA ARG B 368 45.15 -5.66 1.81
CA ARG B 368 45.15 -5.65 1.81
C ARG B 368 44.95 -4.15 2.05
N PHE B 369 45.49 -3.68 3.18
CA PHE B 369 45.37 -2.26 3.58
C PHE B 369 45.95 -1.28 2.57
N GLY B 370 45.34 -0.11 2.47
CA GLY B 370 45.84 0.98 1.64
C GLY B 370 45.61 0.82 0.15
N GLU B 371 44.78 -0.15 -0.23
CA GLU B 371 44.59 -0.48 -1.65
C GLU B 371 43.17 -0.26 -2.15
N GLY B 372 42.21 -0.38 -1.24
CA GLY B 372 40.79 -0.17 -1.58
C GLY B 372 40.45 1.11 -2.34
N VAL B 373 40.70 2.27 -1.72
CA VAL B 373 40.26 3.55 -2.29
C VAL B 373 40.90 3.90 -3.63
N LYS B 374 42.20 3.65 -3.76
CA LYS B 374 42.89 3.88 -5.05
C LYS B 374 42.26 3.05 -6.18
N ALA B 375 41.96 1.79 -5.88
CA ALA B 375 41.28 0.92 -6.86
C ALA B 375 39.95 1.54 -7.30
N VAL B 376 39.16 2.04 -6.33
CA VAL B 376 37.93 2.78 -6.61
C VAL B 376 38.21 4.02 -7.47
N GLU B 377 39.16 4.84 -7.03
CA GLU B 377 39.50 6.05 -7.77
CA GLU B 377 39.51 6.06 -7.76
C GLU B 377 39.93 5.73 -9.19
N GLU B 378 40.70 4.65 -9.35
CA GLU B 378 41.15 4.22 -10.68
C GLU B 378 39.98 4.01 -11.64
N VAL B 379 38.94 3.30 -11.18
CA VAL B 379 37.77 3.06 -12.04
C VAL B 379 37.03 4.35 -12.39
N LEU B 380 36.83 5.20 -11.38
CA LEU B 380 36.16 6.49 -11.60
C LEU B 380 37.00 7.40 -12.52
N PHE B 381 38.32 7.27 -12.42
CA PHE B 381 39.32 8.01 -13.21
C PHE B 381 39.05 8.21 -14.69
N SER B 382 38.60 7.16 -15.40
CA SER B 382 38.44 7.22 -16.87
C SER B 382 37.79 8.51 -17.42
#